data_5ZJM
#
_entry.id   5ZJM
#
_cell.length_a   105.165
_cell.length_b   108.977
_cell.length_c   141.137
_cell.angle_alpha   90.000
_cell.angle_beta   96.880
_cell.angle_gamma   90.000
#
_symmetry.space_group_name_H-M   'C 1 2 1'
#
loop_
_entity.id
_entity.type
_entity.pdbx_description
1 polymer 'N-acetylneuraminate lyase'
2 non-polymer 1,2-ETHANEDIOL
3 water water
#
_entity_poly.entity_id   1
_entity_poly.type   'polypeptide(L)'
_entity_poly.pdbx_seq_one_letter_code
;GFMKGIYSALMVPYNEDGSINEKGLREIIRYNIDKMKVDGLYVGGSTGENFMISTEEKKRVFEIAIDEAKDSVNLIAQVG
SINLNEAVELGKYVTKLGYKCLSAVTPFYYKFDFSEIKDYYETIVRETGNYMIIYSIPFLTGVNMSLSQFGELFENEKII
GVKFTAGDFYLLERVRKAFPDKLIFAGFDEMLLPATVLGVDGAIGSTYNINGIRAKQIFELAKNSKIDEALKIQHTTNDL
IEGILSNGLYQTIKEILKLEGVDAGYCRKPMKKISQKQIEFAKELHKKFLK
;
_entity_poly.pdbx_strand_id   A,B,C,D
#
loop_
_chem_comp.id
_chem_comp.type
_chem_comp.name
_chem_comp.formula
EDO non-polymer 1,2-ETHANEDIOL 'C2 H6 O2'
#
# COMPACT_ATOMS: atom_id res chain seq x y z
N PHE A 2 -7.66 -6.90 17.10
CA PHE A 2 -8.57 -7.86 17.72
C PHE A 2 -8.99 -7.39 19.11
N MET A 3 -8.26 -6.41 19.64
CA MET A 3 -8.56 -5.82 20.94
C MET A 3 -9.33 -4.52 20.80
N LYS A 4 -9.91 -4.28 19.63
CA LYS A 4 -10.60 -3.02 19.38
C LYS A 4 -11.84 -2.89 20.26
N GLY A 5 -12.29 -1.65 20.42
CA GLY A 5 -13.55 -1.37 21.07
C GLY A 5 -13.40 -0.47 22.27
N ILE A 6 -14.52 -0.28 22.96
CA ILE A 6 -14.60 0.59 24.13
C ILE A 6 -14.25 -0.23 25.37
N TYR A 7 -13.34 0.29 26.18
CA TYR A 7 -12.93 -0.32 27.44
C TYR A 7 -13.33 0.59 28.58
N SER A 8 -13.89 0.00 29.63
CA SER A 8 -14.20 0.77 30.83
C SER A 8 -13.07 0.60 31.83
N ALA A 9 -12.67 1.70 32.45
CA ALA A 9 -11.65 1.66 33.48
C ALA A 9 -12.36 1.32 34.77
N LEU A 10 -12.21 0.07 35.22
CA LEU A 10 -12.87 -0.36 36.43
C LEU A 10 -12.35 0.43 37.62
N MET A 11 -13.26 1.00 38.40
CA MET A 11 -12.90 1.63 39.67
C MET A 11 -13.30 0.70 40.80
N VAL A 12 -12.38 0.48 41.72
CA VAL A 12 -12.58 -0.52 42.78
C VAL A 12 -13.43 0.09 43.89
N PRO A 13 -14.55 -0.53 44.24
CA PRO A 13 -15.34 -0.04 45.37
C PRO A 13 -14.79 -0.56 46.68
N TYR A 14 -14.96 0.24 47.74
CA TYR A 14 -14.41 -0.07 49.04
C TYR A 14 -15.52 -0.20 50.09
N ASN A 15 -15.28 -1.09 51.06
CA ASN A 15 -16.16 -1.23 52.20
C ASN A 15 -15.96 -0.07 53.17
N GLU A 16 -16.80 -0.05 54.22
CA GLU A 16 -16.68 1.00 55.23
C GLU A 16 -15.32 1.02 55.90
N ASP A 17 -14.68 -0.15 56.06
CA ASP A 17 -13.41 -0.25 56.76
C ASP A 17 -12.20 -0.10 55.85
N GLY A 18 -12.39 0.08 54.55
CA GLY A 18 -11.31 0.30 53.62
C GLY A 18 -10.94 -0.91 52.78
N SER A 19 -11.34 -2.11 53.20
CA SER A 19 -11.12 -3.32 52.42
C SER A 19 -11.90 -3.26 51.11
N ILE A 20 -11.62 -4.23 50.23
CA ILE A 20 -12.28 -4.29 48.94
C ILE A 20 -13.67 -4.88 49.10
N ASN A 21 -14.65 -4.28 48.41
CA ASN A 21 -16.03 -4.75 48.42
C ASN A 21 -16.16 -5.75 47.27
N GLU A 22 -15.96 -7.03 47.59
CA GLU A 22 -15.91 -8.06 46.55
C GLU A 22 -17.23 -8.14 45.79
N LYS A 23 -18.35 -8.20 46.51
CA LYS A 23 -19.64 -8.31 45.83
C LYS A 23 -19.99 -7.02 45.10
N GLY A 24 -19.53 -5.87 45.60
CA GLY A 24 -19.72 -4.63 44.87
C GLY A 24 -18.87 -4.58 43.60
N LEU A 25 -17.66 -5.14 43.67
CA LEU A 25 -16.81 -5.20 42.49
C LEU A 25 -17.43 -6.08 41.40
N ARG A 26 -17.99 -7.22 41.79
CA ARG A 26 -18.67 -8.07 40.82
C ARG A 26 -19.87 -7.37 40.20
N GLU A 27 -20.57 -6.54 40.98
CA GLU A 27 -21.75 -5.86 40.45
C GLU A 27 -21.38 -4.79 39.42
N ILE A 28 -20.22 -4.15 39.59
CA ILE A 28 -19.78 -3.16 38.61
C ILE A 28 -19.33 -3.86 37.32
N ILE A 29 -18.65 -4.99 37.46
CA ILE A 29 -18.25 -5.76 36.28
C ILE A 29 -19.48 -6.21 35.50
N ARG A 30 -20.50 -6.70 36.20
CA ARG A 30 -21.72 -7.14 35.53
C ARG A 30 -22.43 -5.98 34.86
N TYR A 31 -22.45 -4.82 35.51
CA TYR A 31 -23.11 -3.66 34.92
C TYR A 31 -22.41 -3.21 33.64
N ASN A 32 -21.08 -3.25 33.64
CA ASN A 32 -20.32 -2.85 32.46
C ASN A 32 -20.48 -3.86 31.31
N ILE A 33 -20.52 -5.14 31.64
CA ILE A 33 -20.58 -6.17 30.60
C ILE A 33 -21.99 -6.27 30.02
N ASP A 34 -23.00 -6.29 30.87
CA ASP A 34 -24.38 -6.52 30.45
C ASP A 34 -25.09 -5.25 29.99
N LYS A 35 -25.04 -4.19 30.78
CA LYS A 35 -25.78 -2.97 30.48
C LYS A 35 -24.99 -2.02 29.58
N MET A 36 -23.74 -1.75 29.93
CA MET A 36 -22.91 -0.88 29.10
C MET A 36 -22.43 -1.56 27.83
N LYS A 37 -22.44 -2.89 27.80
CA LYS A 37 -22.03 -3.67 26.63
C LYS A 37 -20.66 -3.23 26.10
N VAL A 38 -19.75 -2.95 27.03
CA VAL A 38 -18.38 -2.58 26.67
C VAL A 38 -17.69 -3.73 25.96
N ASP A 39 -16.64 -3.40 25.21
CA ASP A 39 -15.84 -4.42 24.54
C ASP A 39 -14.71 -4.95 25.41
N GLY A 40 -14.45 -4.30 26.55
CA GLY A 40 -13.39 -4.78 27.43
C GLY A 40 -13.37 -4.01 28.73
N LEU A 41 -12.56 -4.52 29.66
CA LEU A 41 -12.35 -3.89 30.96
C LEU A 41 -10.88 -3.57 31.13
N TYR A 42 -10.60 -2.37 31.62
CA TYR A 42 -9.26 -1.94 31.95
C TYR A 42 -9.14 -2.00 33.47
N VAL A 43 -8.36 -2.95 33.97
CA VAL A 43 -8.30 -3.25 35.40
C VAL A 43 -6.95 -2.77 35.93
N GLY A 44 -6.99 -2.00 37.02
CA GLY A 44 -5.78 -1.55 37.67
C GLY A 44 -5.27 -0.19 37.25
N GLY A 45 -6.04 0.56 36.46
CA GLY A 45 -5.59 1.86 36.00
C GLY A 45 -5.57 2.91 37.09
N SER A 46 -4.95 4.05 36.76
CA SER A 46 -4.87 5.20 37.64
C SER A 46 -6.23 5.76 38.07
N THR A 47 -7.31 5.43 37.36
CA THR A 47 -8.65 5.95 37.66
C THR A 47 -8.97 5.93 39.14
N GLY A 48 -9.62 7.00 39.61
CA GLY A 48 -10.13 7.07 40.97
C GLY A 48 -9.05 7.02 42.04
N GLU A 49 -9.05 5.94 42.81
CA GLU A 49 -8.11 5.74 43.91
C GLU A 49 -7.59 4.31 43.91
N ASN A 50 -7.25 3.78 42.74
CA ASN A 50 -6.82 2.40 42.61
C ASN A 50 -5.35 2.18 42.96
N PHE A 51 -4.50 3.20 42.81
CA PHE A 51 -3.07 3.00 42.99
C PHE A 51 -2.64 2.89 44.45
N MET A 52 -3.53 3.11 45.43
CA MET A 52 -3.16 3.04 46.84
C MET A 52 -3.25 1.64 47.42
N ILE A 53 -3.93 0.70 46.77
CA ILE A 53 -4.19 -0.59 47.40
C ILE A 53 -2.92 -1.44 47.36
N SER A 54 -2.80 -2.34 48.34
CA SER A 54 -1.67 -3.25 48.45
C SER A 54 -1.51 -4.09 47.17
N THR A 55 -0.32 -4.68 47.03
CA THR A 55 -0.09 -5.70 46.02
C THR A 55 -1.07 -6.85 46.20
N GLU A 56 -1.23 -7.30 47.44
CA GLU A 56 -2.18 -8.38 47.73
C GLU A 56 -3.58 -8.01 47.28
N GLU A 57 -4.03 -6.78 47.57
CA GLU A 57 -5.38 -6.39 47.18
C GLU A 57 -5.50 -6.13 45.68
N LYS A 58 -4.41 -5.67 45.02
CA LYS A 58 -4.36 -5.62 43.55
C LYS A 58 -4.48 -7.03 42.96
N LYS A 59 -3.92 -8.05 43.63
CA LYS A 59 -4.01 -9.39 43.06
C LYS A 59 -5.41 -9.95 43.22
N ARG A 60 -6.09 -9.63 44.32
CA ARG A 60 -7.46 -10.12 44.52
C ARG A 60 -8.41 -9.43 43.56
N VAL A 61 -8.17 -8.17 43.24
CA VAL A 61 -9.01 -7.48 42.26
C VAL A 61 -8.84 -8.10 40.88
N PHE A 62 -7.61 -8.43 40.50
CA PHE A 62 -7.37 -9.06 39.20
C PHE A 62 -8.06 -10.42 39.10
N GLU A 63 -8.05 -11.20 40.19
CA GLU A 63 -8.67 -12.51 40.11
C GLU A 63 -10.20 -12.42 40.15
N ILE A 64 -10.74 -11.52 40.97
CA ILE A 64 -12.20 -11.33 40.98
C ILE A 64 -12.67 -10.88 39.61
N ALA A 65 -11.92 -10.00 38.95
CA ALA A 65 -12.33 -9.50 37.66
C ALA A 65 -12.28 -10.59 36.60
N ILE A 66 -11.22 -11.41 36.60
CA ILE A 66 -11.08 -12.44 35.56
C ILE A 66 -12.09 -13.55 35.78
N ASP A 67 -12.49 -13.80 37.03
CA ASP A 67 -13.43 -14.86 37.29
C ASP A 67 -14.88 -14.45 37.10
N GLU A 68 -15.18 -13.16 37.24
CA GLU A 68 -16.55 -12.73 36.95
C GLU A 68 -16.73 -12.39 35.47
N ALA A 69 -15.71 -11.83 34.82
CA ALA A 69 -15.82 -11.53 33.40
C ALA A 69 -15.53 -12.73 32.51
N LYS A 70 -14.78 -13.72 33.02
CA LYS A 70 -14.35 -14.83 32.19
C LYS A 70 -13.71 -14.31 30.90
N ASP A 71 -14.29 -14.65 29.76
CA ASP A 71 -14.13 -14.06 28.43
C ASP A 71 -15.47 -13.78 27.75
N SER A 72 -16.29 -12.95 28.40
CA SER A 72 -17.31 -12.18 27.70
C SER A 72 -16.67 -10.96 27.08
N VAL A 73 -15.53 -10.50 27.61
CA VAL A 73 -14.88 -9.28 27.16
C VAL A 73 -13.35 -9.42 27.18
N ASN A 74 -12.69 -8.52 26.46
CA ASN A 74 -11.25 -8.37 26.55
C ASN A 74 -10.86 -7.83 27.91
N LEU A 75 -9.68 -8.23 28.39
CA LEU A 75 -9.16 -7.74 29.67
C LEU A 75 -7.71 -7.29 29.52
N ILE A 76 -7.40 -6.10 30.05
CA ILE A 76 -6.04 -5.58 30.12
C ILE A 76 -5.72 -5.28 31.58
N ALA A 77 -4.55 -5.71 32.03
CA ALA A 77 -4.13 -5.57 33.43
C ALA A 77 -2.99 -4.55 33.51
N GLN A 78 -3.23 -3.46 34.23
CA GLN A 78 -2.21 -2.45 34.47
C GLN A 78 -1.42 -2.86 35.72
N VAL A 79 -0.13 -3.16 35.54
CA VAL A 79 0.69 -3.76 36.59
C VAL A 79 1.84 -2.86 37.02
N GLY A 80 2.00 -1.67 36.47
CA GLY A 80 3.10 -0.78 36.81
C GLY A 80 2.80 0.13 37.99
N SER A 81 3.61 1.20 38.08
CA SER A 81 3.51 2.36 38.99
C SER A 81 4.48 2.30 40.17
N ILE A 82 4.56 1.17 40.88
CA ILE A 82 5.30 1.16 42.15
C ILE A 82 6.79 1.02 41.90
N ASN A 83 7.22 -0.14 41.42
CA ASN A 83 8.60 -0.36 40.98
C ASN A 83 8.60 -1.53 40.01
N LEU A 84 9.79 -1.91 39.55
CA LEU A 84 9.87 -2.88 38.46
C LEU A 84 9.66 -4.32 38.91
N ASN A 85 10.02 -4.65 40.14
CA ASN A 85 9.82 -6.03 40.60
C ASN A 85 8.37 -6.27 41.05
N GLU A 86 7.69 -5.23 41.53
CA GLU A 86 6.26 -5.37 41.76
C GLU A 86 5.53 -5.53 40.44
N ALA A 87 6.01 -4.85 39.39
CA ALA A 87 5.39 -4.99 38.07
C ALA A 87 5.56 -6.41 37.53
N VAL A 88 6.73 -7.01 37.76
CA VAL A 88 6.99 -8.35 37.23
C VAL A 88 6.20 -9.40 38.01
N GLU A 89 6.11 -9.25 39.33
CA GLU A 89 5.34 -10.21 40.11
C GLU A 89 3.86 -10.13 39.76
N LEU A 90 3.31 -8.92 39.66
CA LEU A 90 1.93 -8.76 39.20
C LEU A 90 1.76 -9.26 37.78
N GLY A 91 2.74 -8.99 36.92
CA GLY A 91 2.61 -9.39 35.52
C GLY A 91 2.55 -10.89 35.34
N LYS A 92 3.31 -11.65 36.14
CA LYS A 92 3.26 -13.09 36.00
C LYS A 92 2.08 -13.71 36.75
N TYR A 93 1.56 -13.02 37.77
CA TYR A 93 0.35 -13.49 38.41
C TYR A 93 -0.85 -13.37 37.47
N VAL A 94 -1.02 -12.21 36.84
CA VAL A 94 -2.16 -12.05 35.96
C VAL A 94 -1.98 -12.84 34.66
N THR A 95 -0.74 -13.16 34.28
CA THR A 95 -0.53 -14.03 33.11
C THR A 95 -0.98 -15.46 33.43
N LYS A 96 -0.75 -15.91 34.66
CA LYS A 96 -1.22 -17.19 35.19
C LYS A 96 -2.71 -17.17 35.46
N LEU A 97 -3.31 -15.98 35.65
CA LEU A 97 -4.76 -15.94 35.79
C LEU A 97 -5.48 -15.99 34.45
N GLY A 98 -4.78 -15.69 33.36
CA GLY A 98 -5.36 -15.73 32.03
C GLY A 98 -5.43 -14.39 31.34
N TYR A 99 -4.92 -13.31 31.93
CA TYR A 99 -4.91 -12.00 31.29
C TYR A 99 -4.01 -12.02 30.06
N LYS A 100 -4.58 -11.76 28.89
CA LYS A 100 -3.88 -11.89 27.63
C LYS A 100 -3.19 -10.61 27.18
N CYS A 101 -3.24 -9.55 27.98
CA CYS A 101 -2.54 -8.32 27.65
C CYS A 101 -2.26 -7.53 28.92
N LEU A 102 -1.10 -6.89 28.96
CA LEU A 102 -0.70 -6.06 30.08
C LEU A 102 -0.49 -4.63 29.63
N SER A 103 -0.51 -3.73 30.61
CA SER A 103 -0.06 -2.37 30.42
C SER A 103 0.69 -1.97 31.68
N ALA A 104 1.51 -0.93 31.57
CA ALA A 104 2.33 -0.53 32.71
C ALA A 104 2.68 0.94 32.58
N VAL A 105 2.34 1.72 33.58
CA VAL A 105 2.93 3.04 33.71
C VAL A 105 4.30 2.89 34.35
N THR A 106 5.20 3.81 34.03
CA THR A 106 6.54 3.82 34.59
C THR A 106 6.47 4.07 36.10
N PRO A 107 7.54 3.72 36.83
CA PRO A 107 7.52 3.95 38.28
C PRO A 107 7.43 5.43 38.65
N PHE A 108 6.91 5.70 39.84
CA PHE A 108 6.72 7.06 40.33
C PHE A 108 7.90 7.61 41.14
N TYR A 109 8.80 6.74 41.62
CA TYR A 109 9.80 7.15 42.61
C TYR A 109 11.04 7.78 41.99
N TYR A 110 11.15 7.88 40.65
CA TYR A 110 12.37 8.37 40.04
C TYR A 110 12.08 8.80 38.60
N LYS A 111 12.74 9.87 38.16
CA LYS A 111 12.60 10.38 36.80
C LYS A 111 13.59 9.63 35.91
N PHE A 112 13.10 8.59 35.24
CA PHE A 112 13.97 7.75 34.41
C PHE A 112 14.21 8.38 33.04
N ASP A 113 15.44 8.26 32.56
CA ASP A 113 15.73 8.59 31.18
C ASP A 113 15.08 7.56 30.26
N PHE A 114 15.08 7.84 28.96
CA PHE A 114 14.37 6.97 28.02
C PHE A 114 15.02 5.59 27.96
N SER A 115 16.36 5.52 28.01
CA SER A 115 17.03 4.24 27.96
C SER A 115 16.68 3.36 29.16
N GLU A 116 16.20 3.96 30.25
CA GLU A 116 15.72 3.18 31.37
C GLU A 116 14.23 2.89 31.28
N ILE A 117 13.48 3.73 30.56
CA ILE A 117 12.09 3.37 30.23
C ILE A 117 12.09 2.13 29.35
N LYS A 118 12.99 2.07 28.37
CA LYS A 118 13.03 0.93 27.47
C LYS A 118 13.41 -0.35 28.20
N ASP A 119 14.42 -0.27 29.07
CA ASP A 119 14.76 -1.45 29.88
C ASP A 119 13.61 -1.86 30.77
N TYR A 120 12.89 -0.89 31.34
CA TYR A 120 11.73 -1.18 32.17
C TYR A 120 10.68 -1.97 31.39
N TYR A 121 10.25 -1.44 30.24
CA TYR A 121 9.21 -2.12 29.47
C TYR A 121 9.71 -3.45 28.93
N GLU A 122 10.94 -3.50 28.39
CA GLU A 122 11.44 -4.74 27.82
C GLU A 122 11.61 -5.83 28.88
N THR A 123 11.82 -5.45 30.14
CA THR A 123 11.95 -6.44 31.19
C THR A 123 10.61 -7.07 31.52
N ILE A 124 9.54 -6.27 31.52
CA ILE A 124 8.22 -6.84 31.81
C ILE A 124 7.79 -7.79 30.69
N VAL A 125 8.15 -7.49 29.44
CA VAL A 125 7.83 -8.42 28.35
C VAL A 125 8.71 -9.66 28.39
N ARG A 126 9.97 -9.52 28.78
CA ARG A 126 10.82 -10.71 28.78
C ARG A 126 10.45 -11.65 29.91
N GLU A 127 10.08 -11.11 31.07
CA GLU A 127 9.85 -11.92 32.26
C GLU A 127 8.45 -12.49 32.36
N THR A 128 7.47 -11.93 31.65
CA THR A 128 6.13 -12.48 31.65
C THR A 128 5.76 -13.20 30.36
N GLY A 129 6.34 -12.80 29.23
CA GLY A 129 5.94 -13.37 27.96
C GLY A 129 4.61 -12.88 27.44
N ASN A 130 4.01 -11.89 28.11
CA ASN A 130 2.70 -11.38 27.74
C ASN A 130 2.83 -10.19 26.81
N TYR A 131 1.70 -9.79 26.22
CA TYR A 131 1.67 -8.58 25.41
C TYR A 131 1.63 -7.35 26.32
N MET A 132 2.01 -6.21 25.76
CA MET A 132 2.19 -5.00 26.55
C MET A 132 1.65 -3.80 25.81
N ILE A 133 0.89 -2.96 26.53
CA ILE A 133 0.47 -1.65 26.06
C ILE A 133 1.25 -0.61 26.86
N ILE A 134 1.89 0.32 26.15
CA ILE A 134 2.66 1.36 26.80
C ILE A 134 1.83 2.63 26.90
N TYR A 135 2.31 3.59 27.69
CA TYR A 135 1.70 4.89 27.85
C TYR A 135 2.53 5.93 27.11
N SER A 136 1.86 6.83 26.40
CA SER A 136 2.57 7.86 25.65
C SER A 136 3.28 8.87 26.56
N ILE A 137 2.88 8.98 27.81
CA ILE A 137 3.47 9.89 28.78
C ILE A 137 4.06 9.05 29.93
N PRO A 138 5.38 9.10 30.17
CA PRO A 138 5.91 8.46 31.38
C PRO A 138 5.26 9.05 32.62
N PHE A 139 4.95 8.16 33.56
CA PHE A 139 4.24 8.49 34.80
C PHE A 139 4.76 9.78 35.44
N LEU A 140 3.88 10.78 35.54
CA LEU A 140 4.16 12.06 36.21
C LEU A 140 5.37 12.77 35.60
N THR A 141 5.38 12.89 34.27
CA THR A 141 6.37 13.74 33.63
C THR A 141 5.73 14.76 32.72
N GLY A 142 4.54 14.46 32.19
CA GLY A 142 3.81 15.41 31.39
C GLY A 142 4.25 15.48 29.94
N VAL A 143 5.46 15.05 29.62
CA VAL A 143 6.00 15.16 28.27
C VAL A 143 5.66 13.89 27.51
N ASN A 144 5.05 14.06 26.33
CA ASN A 144 4.86 12.94 25.43
C ASN A 144 6.20 12.41 24.95
N MET A 145 6.26 11.12 24.66
CA MET A 145 7.45 10.57 24.05
C MET A 145 7.57 11.06 22.61
N SER A 146 8.81 11.15 22.14
CA SER A 146 9.08 11.50 20.76
C SER A 146 8.68 10.36 19.83
N LEU A 147 8.44 10.70 18.56
CA LEU A 147 8.12 9.67 17.58
C LEU A 147 9.29 8.71 17.37
N SER A 148 10.52 9.21 17.50
CA SER A 148 11.68 8.32 17.46
C SER A 148 11.70 7.35 18.63
N GLN A 149 11.25 7.81 19.80
CA GLN A 149 11.23 6.94 20.96
C GLN A 149 10.16 5.86 20.83
N PHE A 150 9.02 6.21 20.21
CA PHE A 150 8.01 5.20 19.93
C PHE A 150 8.57 4.11 19.04
N GLY A 151 9.38 4.49 18.05
CA GLY A 151 9.96 3.50 17.15
C GLY A 151 10.88 2.53 17.86
N GLU A 152 11.70 3.05 18.78
CA GLU A 152 12.60 2.16 19.52
C GLU A 152 11.84 1.18 20.39
N LEU A 153 10.72 1.63 20.98
CA LEU A 153 9.90 0.72 21.79
C LEU A 153 9.13 -0.25 20.91
N PHE A 154 8.56 0.23 19.82
CA PHE A 154 7.76 -0.62 18.95
C PHE A 154 8.60 -1.62 18.17
N GLU A 155 9.93 -1.57 18.27
CA GLU A 155 10.75 -2.61 17.67
C GLU A 155 10.49 -3.97 18.33
N ASN A 156 10.07 -3.97 19.58
CA ASN A 156 9.65 -5.20 20.25
C ASN A 156 8.26 -5.58 19.77
N GLU A 157 8.11 -6.83 19.33
CA GLU A 157 6.84 -7.25 18.75
C GLU A 157 5.76 -7.54 19.77
N LYS A 158 6.11 -7.77 21.01
CA LYS A 158 5.09 -8.00 22.03
C LYS A 158 4.67 -6.72 22.73
N ILE A 159 5.22 -5.58 22.32
CA ILE A 159 4.69 -4.27 22.68
C ILE A 159 3.74 -3.88 21.55
N ILE A 160 2.45 -4.15 21.75
CA ILE A 160 1.49 -4.13 20.65
C ILE A 160 0.73 -2.82 20.54
N GLY A 161 0.91 -1.89 21.46
CA GLY A 161 0.11 -0.68 21.37
C GLY A 161 0.51 0.34 22.39
N VAL A 162 -0.22 1.46 22.36
CA VAL A 162 0.07 2.62 23.20
C VAL A 162 -1.26 3.25 23.59
N LYS A 163 -1.36 3.67 24.84
CA LYS A 163 -2.51 4.41 25.35
C LYS A 163 -2.17 5.89 25.43
N PHE A 164 -2.86 6.71 24.64
CA PHE A 164 -2.65 8.15 24.64
C PHE A 164 -3.48 8.80 25.74
N THR A 165 -2.82 9.53 26.63
CA THR A 165 -3.49 10.24 27.71
C THR A 165 -3.64 11.73 27.44
N ALA A 166 -2.68 12.34 26.75
CA ALA A 166 -2.77 13.74 26.35
C ALA A 166 -3.39 13.85 24.97
N GLY A 167 -4.19 14.90 24.77
CA GLY A 167 -4.88 15.11 23.52
C GLY A 167 -4.08 15.87 22.48
N ASP A 168 -2.90 15.36 22.11
CA ASP A 168 -2.12 15.91 21.03
C ASP A 168 -2.46 15.14 19.77
N PHE A 169 -3.34 15.69 18.93
CA PHE A 169 -3.80 14.96 17.76
C PHE A 169 -2.78 14.98 16.63
N TYR A 170 -1.85 15.93 16.63
CA TYR A 170 -0.76 15.89 15.66
C TYR A 170 0.13 14.69 15.90
N LEU A 171 0.57 14.51 17.16
CA LEU A 171 1.39 13.34 17.48
C LEU A 171 0.60 12.05 17.30
N LEU A 172 -0.68 12.07 17.65
CA LEU A 172 -1.52 10.90 17.45
C LEU A 172 -1.54 10.50 15.97
N GLU A 173 -1.73 11.48 15.09
CA GLU A 173 -1.76 11.20 13.66
C GLU A 173 -0.40 10.69 13.18
N ARG A 174 0.70 11.24 13.71
CA ARG A 174 2.02 10.77 13.31
C ARG A 174 2.27 9.34 13.75
N VAL A 175 1.94 9.02 15.00
CA VAL A 175 2.11 7.65 15.48
C VAL A 175 1.23 6.70 14.67
N ARG A 176 0.02 7.15 14.31
CA ARG A 176 -0.90 6.30 13.58
C ARG A 176 -0.33 5.92 12.22
N LYS A 177 0.29 6.87 11.53
CA LYS A 177 0.82 6.60 10.20
C LYS A 177 2.14 5.82 10.26
N ALA A 178 2.99 6.14 11.24
CA ALA A 178 4.29 5.47 11.30
C ALA A 178 4.15 4.00 11.66
N PHE A 179 3.09 3.63 12.39
CA PHE A 179 2.90 2.26 12.86
C PHE A 179 1.47 1.82 12.61
N PRO A 180 1.12 1.52 11.36
CA PRO A 180 -0.25 1.07 11.06
C PRO A 180 -0.59 -0.29 11.66
N ASP A 181 0.40 -1.05 12.12
CA ASP A 181 0.19 -2.40 12.64
C ASP A 181 0.04 -2.45 14.15
N LYS A 182 0.09 -1.32 14.84
CA LYS A 182 0.01 -1.28 16.30
C LYS A 182 -1.34 -0.73 16.74
N LEU A 183 -1.74 -1.10 17.94
CA LEU A 183 -2.98 -0.60 18.51
C LEU A 183 -2.76 0.77 19.14
N ILE A 184 -3.75 1.65 18.98
CA ILE A 184 -3.71 2.96 19.61
C ILE A 184 -5.05 3.16 20.31
N PHE A 185 -4.99 3.43 21.61
CA PHE A 185 -6.17 3.65 22.42
C PHE A 185 -6.22 5.11 22.84
N ALA A 186 -7.38 5.73 22.67
CA ALA A 186 -7.61 7.06 23.21
C ALA A 186 -7.95 6.96 24.70
N GLY A 187 -7.34 7.84 25.49
CA GLY A 187 -7.65 7.92 26.91
C GLY A 187 -8.30 9.24 27.28
N PHE A 188 -9.17 9.74 26.43
CA PHE A 188 -9.87 11.01 26.65
C PHE A 188 -11.28 10.88 26.08
N ASP A 189 -12.28 10.83 26.97
CA ASP A 189 -13.66 10.55 26.57
C ASP A 189 -14.33 11.76 25.92
N GLU A 190 -13.91 12.96 26.27
CA GLU A 190 -14.51 14.18 25.73
C GLU A 190 -14.14 14.41 24.27
N MET A 191 -13.14 13.70 23.75
CA MET A 191 -12.67 13.89 22.38
C MET A 191 -12.63 12.57 21.64
N LEU A 192 -13.63 11.72 21.85
CA LEU A 192 -13.63 10.41 21.21
C LEU A 192 -13.82 10.54 19.70
N LEU A 193 -14.77 11.36 19.27
CA LEU A 193 -15.00 11.52 17.82
C LEU A 193 -13.76 11.99 17.10
N PRO A 194 -13.03 13.05 17.52
CA PRO A 194 -11.80 13.41 16.81
C PRO A 194 -10.77 12.29 16.80
N ALA A 195 -10.65 11.55 17.90
CA ALA A 195 -9.69 10.44 17.93
C ALA A 195 -10.10 9.33 16.96
N THR A 196 -11.41 9.07 16.83
CA THR A 196 -11.83 7.95 15.99
C THR A 196 -11.54 8.21 14.52
N VAL A 197 -11.72 9.45 14.06
CA VAL A 197 -11.47 9.74 12.65
C VAL A 197 -9.98 9.75 12.32
N LEU A 198 -9.11 9.78 13.33
CA LEU A 198 -7.69 9.62 13.10
C LEU A 198 -7.24 8.17 13.20
N GLY A 199 -8.17 7.24 13.35
CA GLY A 199 -7.87 5.84 13.24
C GLY A 199 -7.46 5.13 14.51
N VAL A 200 -7.90 5.60 15.68
CA VAL A 200 -7.62 4.87 16.90
C VAL A 200 -8.43 3.57 16.91
N ASP A 201 -7.86 2.55 17.55
CA ASP A 201 -8.46 1.23 17.60
C ASP A 201 -9.40 1.03 18.78
N GLY A 202 -9.40 1.95 19.72
CA GLY A 202 -10.29 1.82 20.86
C GLY A 202 -10.12 3.00 21.79
N ALA A 203 -10.90 2.98 22.86
CA ALA A 203 -10.86 4.03 23.85
C ALA A 203 -10.97 3.40 25.23
N ILE A 204 -10.20 3.94 26.16
CA ILE A 204 -10.21 3.51 27.55
C ILE A 204 -10.60 4.69 28.41
N GLY A 205 -11.69 4.56 29.15
CA GLY A 205 -12.21 5.70 29.90
C GLY A 205 -12.99 5.24 31.11
N SER A 206 -13.16 6.18 32.04
CA SER A 206 -13.91 5.86 33.25
C SER A 206 -15.36 6.33 33.17
N THR A 207 -15.66 7.27 32.27
CA THR A 207 -17.06 7.61 32.03
C THR A 207 -17.81 6.47 31.34
N TYR A 208 -17.11 5.52 30.74
CA TYR A 208 -17.79 4.42 30.07
C TYR A 208 -18.42 3.44 31.06
N ASN A 209 -18.16 3.59 32.36
CA ASN A 209 -18.92 2.84 33.37
C ASN A 209 -20.39 3.22 33.35
N ILE A 210 -20.71 4.44 32.95
CA ILE A 210 -22.09 4.92 32.93
C ILE A 210 -22.55 5.43 31.57
N ASN A 211 -21.63 5.76 30.66
CA ASN A 211 -21.99 6.31 29.36
C ASN A 211 -21.47 5.45 28.23
N GLY A 212 -21.27 4.15 28.49
CA GLY A 212 -20.68 3.28 27.49
C GLY A 212 -21.53 3.12 26.25
N ILE A 213 -22.85 3.24 26.38
CA ILE A 213 -23.75 3.08 25.24
C ILE A 213 -23.50 4.17 24.21
N ARG A 214 -23.50 5.42 24.65
CA ARG A 214 -23.26 6.53 23.72
C ARG A 214 -21.86 6.43 23.11
N ALA A 215 -20.87 6.00 23.90
CA ALA A 215 -19.51 5.92 23.39
C ALA A 215 -19.38 4.87 22.30
N LYS A 216 -20.02 3.70 22.48
CA LYS A 216 -20.00 2.69 21.43
C LYS A 216 -20.67 3.20 20.16
N GLN A 217 -21.72 4.02 20.29
CA GLN A 217 -22.38 4.59 19.12
C GLN A 217 -21.46 5.59 18.41
N ILE A 218 -20.81 6.46 19.17
CA ILE A 218 -19.86 7.41 18.57
C ILE A 218 -18.75 6.66 17.85
N PHE A 219 -18.21 5.62 18.50
CA PHE A 219 -17.13 4.87 17.90
C PHE A 219 -17.58 4.15 16.63
N GLU A 220 -18.78 3.56 16.65
CA GLU A 220 -19.27 2.83 15.50
C GLU A 220 -19.70 3.76 14.37
N LEU A 221 -20.40 4.84 14.69
CA LEU A 221 -20.87 5.76 13.65
C LEU A 221 -19.72 6.47 12.95
N ALA A 222 -18.65 6.77 13.68
CA ALA A 222 -17.53 7.49 13.06
C ALA A 222 -16.73 6.58 12.14
N LYS A 223 -16.58 5.30 12.51
CA LYS A 223 -15.87 4.37 11.64
C LYS A 223 -16.67 3.98 10.42
N ASN A 224 -17.94 4.39 10.32
CA ASN A 224 -18.76 4.18 9.15
C ASN A 224 -19.13 5.48 8.46
N SER A 225 -18.31 6.52 8.65
CA SER A 225 -18.54 7.87 8.15
C SER A 225 -19.99 8.31 8.24
N LYS A 226 -20.51 8.44 9.47
CA LYS A 226 -21.78 9.10 9.74
C LYS A 226 -21.51 10.20 10.78
N ILE A 227 -20.79 11.23 10.34
CA ILE A 227 -20.23 12.20 11.27
C ILE A 227 -21.33 13.07 11.87
N ASP A 228 -22.35 13.41 11.08
CA ASP A 228 -23.43 14.26 11.58
C ASP A 228 -24.07 13.66 12.82
N GLU A 229 -24.41 12.37 12.76
CA GLU A 229 -25.03 11.72 13.91
C GLU A 229 -24.03 11.53 15.05
N ALA A 230 -22.77 11.23 14.73
CA ALA A 230 -21.79 11.02 15.79
C ALA A 230 -21.48 12.32 16.53
N LEU A 231 -21.39 13.44 15.81
CA LEU A 231 -21.10 14.68 16.50
C LEU A 231 -22.24 15.10 17.41
N LYS A 232 -23.46 14.76 17.04
CA LYS A 232 -24.59 15.14 17.88
C LYS A 232 -24.58 14.33 19.20
N ILE A 233 -24.22 13.05 19.13
CA ILE A 233 -24.10 12.25 20.34
C ILE A 233 -22.90 12.70 21.17
N GLN A 234 -21.81 13.11 20.51
CA GLN A 234 -20.66 13.64 21.25
C GLN A 234 -21.02 14.94 21.97
N HIS A 235 -21.87 15.76 21.35
CA HIS A 235 -22.36 16.96 22.03
C HIS A 235 -23.13 16.60 23.29
N THR A 236 -23.97 15.57 23.22
CA THR A 236 -24.71 15.16 24.40
C THR A 236 -23.78 14.52 25.43
N THR A 237 -22.83 13.71 24.96
CA THR A 237 -21.85 13.10 25.86
C THR A 237 -21.06 14.17 26.60
N ASN A 238 -20.66 15.22 25.91
CA ASN A 238 -19.84 16.24 26.55
C ASN A 238 -20.64 17.15 27.47
N ASP A 239 -21.97 17.24 27.30
CA ASP A 239 -22.80 17.92 28.29
C ASP A 239 -22.88 17.11 29.58
N LEU A 240 -22.91 15.78 29.46
CA LEU A 240 -22.83 14.92 30.63
C LEU A 240 -21.47 15.08 31.32
N ILE A 241 -20.39 15.03 30.53
CA ILE A 241 -19.05 15.10 31.09
C ILE A 241 -18.80 16.46 31.73
N GLU A 242 -19.29 17.54 31.12
CA GLU A 242 -19.14 18.85 31.72
C GLU A 242 -19.79 18.92 33.10
N GLY A 243 -20.99 18.33 33.23
CA GLY A 243 -21.64 18.30 34.53
C GLY A 243 -20.93 17.39 35.52
N ILE A 244 -20.52 16.21 35.07
CA ILE A 244 -19.76 15.29 35.93
C ILE A 244 -18.50 15.96 36.44
N LEU A 245 -17.79 16.69 35.57
CA LEU A 245 -16.55 17.35 35.99
C LEU A 245 -16.85 18.50 36.94
N SER A 246 -17.86 19.29 36.63
CA SER A 246 -18.34 20.34 37.52
C SER A 246 -18.63 19.82 38.92
N ASN A 247 -19.13 18.59 39.02
CA ASN A 247 -19.63 18.02 40.26
C ASN A 247 -18.60 17.13 40.97
N GLY A 248 -17.42 16.93 40.39
CA GLY A 248 -16.45 16.00 40.94
C GLY A 248 -16.56 14.64 40.26
N LEU A 249 -15.64 14.32 39.36
CA LEU A 249 -15.88 13.24 38.42
C LEU A 249 -15.95 11.88 39.11
N TYR A 250 -14.96 11.58 39.95
CA TYR A 250 -14.90 10.28 40.61
C TYR A 250 -16.14 10.03 41.46
N GLN A 251 -16.54 11.02 42.26
CA GLN A 251 -17.69 10.82 43.14
C GLN A 251 -19.01 10.88 42.39
N THR A 252 -19.07 11.65 41.30
CA THR A 252 -20.32 11.69 40.53
C THR A 252 -20.57 10.38 39.81
N ILE A 253 -19.51 9.78 39.26
CA ILE A 253 -19.67 8.49 38.59
C ILE A 253 -20.13 7.43 39.57
N LYS A 254 -19.54 7.42 40.76
CA LYS A 254 -19.96 6.45 41.78
C LYS A 254 -21.40 6.72 42.21
N GLU A 255 -21.76 7.99 42.37
CA GLU A 255 -23.12 8.31 42.79
C GLU A 255 -24.14 7.98 41.71
N ILE A 256 -23.75 8.11 40.43
CA ILE A 256 -24.65 7.71 39.35
C ILE A 256 -24.78 6.19 39.30
N LEU A 257 -23.70 5.47 39.59
CA LEU A 257 -23.77 4.01 39.62
C LEU A 257 -24.67 3.53 40.75
N LYS A 258 -24.73 4.27 41.84
CA LYS A 258 -25.66 3.90 42.89
C LYS A 258 -27.10 4.22 42.54
N LEU A 259 -27.31 5.23 41.70
CA LEU A 259 -28.62 5.51 41.15
C LEU A 259 -29.06 4.47 40.13
N GLU A 260 -28.15 3.62 39.67
CA GLU A 260 -28.48 2.56 38.73
C GLU A 260 -28.51 1.20 39.40
N GLY A 261 -28.50 1.16 40.72
CA GLY A 261 -28.65 -0.08 41.44
C GLY A 261 -27.36 -0.86 41.67
N VAL A 262 -26.21 -0.19 41.62
CA VAL A 262 -24.92 -0.84 41.80
C VAL A 262 -24.28 -0.29 43.07
N ASP A 263 -23.90 -1.20 43.98
CA ASP A 263 -23.22 -0.81 45.21
C ASP A 263 -21.76 -0.48 44.90
N ALA A 264 -21.51 0.81 44.65
CA ALA A 264 -20.18 1.30 44.29
C ALA A 264 -19.30 1.60 45.49
N GLY A 265 -19.79 1.33 46.71
CA GLY A 265 -18.98 1.41 47.90
C GLY A 265 -18.75 2.83 48.43
N TYR A 266 -17.81 2.90 49.37
CA TYR A 266 -17.48 4.09 50.13
C TYR A 266 -16.13 4.65 49.70
N CYS A 267 -15.86 5.88 50.12
CA CYS A 267 -14.58 6.55 49.89
C CYS A 267 -13.64 6.33 51.07
N ARG A 268 -12.34 6.39 50.81
CA ARG A 268 -11.32 6.24 51.83
C ARG A 268 -10.74 7.61 52.21
N LYS A 269 -10.51 7.79 53.52
CA LYS A 269 -9.90 9.01 54.01
C LYS A 269 -8.56 9.23 53.32
N PRO A 270 -8.15 10.49 53.11
CA PRO A 270 -8.76 11.72 53.61
C PRO A 270 -9.71 12.39 52.62
N MET A 271 -10.25 11.62 51.68
CA MET A 271 -11.15 12.20 50.71
C MET A 271 -12.48 12.60 51.34
N LYS A 272 -12.95 13.80 51.01
CA LYS A 272 -14.17 14.35 51.61
C LYS A 272 -15.41 13.72 50.97
N LYS A 273 -16.42 13.49 51.79
CA LYS A 273 -17.63 12.83 51.33
C LYS A 273 -18.46 13.74 50.43
N ILE A 274 -19.20 13.13 49.51
CA ILE A 274 -20.01 13.89 48.57
C ILE A 274 -21.14 14.58 49.32
N SER A 275 -21.45 15.82 48.92
CA SER A 275 -22.45 16.63 49.59
C SER A 275 -23.86 16.27 49.13
N GLN A 276 -24.86 16.83 49.81
CA GLN A 276 -26.24 16.65 49.38
C GLN A 276 -26.49 17.38 48.06
N LYS A 277 -25.91 18.56 47.89
CA LYS A 277 -26.08 19.30 46.64
C LYS A 277 -25.50 18.51 45.47
N GLN A 278 -24.39 17.82 45.70
CA GLN A 278 -23.78 17.03 44.63
C GLN A 278 -24.51 15.71 44.39
N ILE A 279 -25.14 15.15 45.43
CA ILE A 279 -26.00 13.98 45.22
C ILE A 279 -27.22 14.37 44.41
N GLU A 280 -27.83 15.50 44.73
CA GLU A 280 -29.00 15.95 43.98
C GLU A 280 -28.61 16.29 42.55
N PHE A 281 -27.42 16.88 42.36
CA PHE A 281 -26.95 17.20 41.02
C PHE A 281 -26.67 15.94 40.21
N ALA A 282 -26.11 14.90 40.85
CA ALA A 282 -25.91 13.64 40.16
C ALA A 282 -27.23 13.02 39.73
N LYS A 283 -28.27 13.17 40.54
CA LYS A 283 -29.58 12.63 40.18
C LYS A 283 -30.20 13.41 39.02
N GLU A 284 -30.01 14.73 39.01
CA GLU A 284 -30.47 15.52 37.86
C GLU A 284 -29.74 15.10 36.59
N LEU A 285 -28.43 14.89 36.66
CA LEU A 285 -27.69 14.37 35.51
C LEU A 285 -28.19 13.00 35.10
N HIS A 286 -28.47 12.15 36.08
CA HIS A 286 -28.96 10.80 35.79
C HIS A 286 -30.30 10.84 35.06
N LYS A 287 -31.25 11.62 35.57
CA LYS A 287 -32.57 11.69 34.94
C LYS A 287 -32.53 12.40 33.59
N LYS A 288 -31.57 13.31 33.40
CA LYS A 288 -31.52 14.07 32.15
C LYS A 288 -30.82 13.32 31.03
N PHE A 289 -29.79 12.53 31.36
CA PHE A 289 -28.90 11.98 30.35
C PHE A 289 -28.88 10.46 30.27
N LEU A 290 -29.34 9.74 31.30
CA LEU A 290 -29.05 8.31 31.33
C LEU A 290 -30.23 7.43 31.73
N LYS A 291 -31.40 7.99 32.02
CA LYS A 291 -32.55 7.16 32.38
C LYS A 291 -33.59 7.20 31.28
N GLY B 1 -21.83 34.63 7.81
CA GLY B 1 -21.95 33.24 7.43
C GLY B 1 -21.30 32.94 6.09
N PHE B 2 -21.13 33.99 5.31
CA PHE B 2 -20.48 33.93 4.00
C PHE B 2 -18.97 33.79 4.08
N MET B 3 -18.36 33.94 5.26
CA MET B 3 -16.91 33.92 5.37
C MET B 3 -16.35 32.54 5.69
N LYS B 4 -17.09 31.48 5.39
CA LYS B 4 -16.52 30.15 5.55
C LYS B 4 -15.39 29.92 4.55
N GLY B 5 -14.62 28.86 4.79
CA GLY B 5 -13.66 28.36 3.83
C GLY B 5 -12.23 28.43 4.33
N ILE B 6 -11.30 28.10 3.43
CA ILE B 6 -9.87 28.09 3.75
C ILE B 6 -9.28 29.47 3.47
N TYR B 7 -8.52 30.00 4.43
CA TYR B 7 -7.85 31.30 4.32
C TYR B 7 -6.35 31.16 4.41
N SER B 8 -5.60 31.89 3.59
CA SER B 8 -4.16 31.87 3.74
C SER B 8 -3.73 33.08 4.56
N ALA B 9 -2.78 32.84 5.46
CA ALA B 9 -2.16 33.88 6.27
C ALA B 9 -1.07 34.46 5.38
N LEU B 10 -1.29 35.64 4.85
CA LEU B 10 -0.34 36.26 3.95
C LEU B 10 0.96 36.56 4.68
N MET B 11 2.08 36.11 4.11
CA MET B 11 3.39 36.49 4.63
C MET B 11 3.94 37.61 3.75
N VAL B 12 4.41 38.67 4.39
CA VAL B 12 4.83 39.86 3.65
C VAL B 12 6.27 39.67 3.16
N PRO B 13 6.52 39.80 1.87
CA PRO B 13 7.89 39.72 1.37
C PRO B 13 8.61 41.05 1.50
N TYR B 14 9.92 40.97 1.71
CA TYR B 14 10.73 42.15 1.95
C TYR B 14 11.79 42.30 0.87
N ASN B 15 12.13 43.54 0.56
CA ASN B 15 13.23 43.84 -0.33
C ASN B 15 14.56 43.63 0.38
N GLU B 16 15.65 43.76 -0.38
CA GLU B 16 16.98 43.62 0.19
C GLU B 16 17.24 44.63 1.31
N ASP B 17 16.67 45.83 1.20
CA ASP B 17 16.91 46.90 2.16
C ASP B 17 15.93 46.90 3.33
N GLY B 18 14.97 45.98 3.35
CA GLY B 18 14.04 45.85 4.45
C GLY B 18 12.66 46.40 4.18
N SER B 19 12.51 47.29 3.20
CA SER B 19 11.18 47.75 2.82
C SER B 19 10.39 46.59 2.21
N ILE B 20 9.09 46.79 2.06
CA ILE B 20 8.24 45.73 1.54
C ILE B 20 8.34 45.70 0.01
N ASN B 21 8.41 44.48 -0.53
CA ASN B 21 8.49 44.19 -1.95
C ASN B 21 7.06 44.16 -2.50
N GLU B 22 6.61 45.31 -3.01
CA GLU B 22 5.21 45.44 -3.42
C GLU B 22 4.85 44.46 -4.53
N LYS B 23 5.73 44.30 -5.53
CA LYS B 23 5.39 43.40 -6.62
C LYS B 23 5.50 41.94 -6.20
N GLY B 24 6.40 41.61 -5.28
CA GLY B 24 6.39 40.28 -4.69
C GLY B 24 5.11 40.02 -3.93
N LEU B 25 4.59 41.05 -3.26
CA LEU B 25 3.34 40.92 -2.52
C LEU B 25 2.17 40.62 -3.47
N ARG B 26 2.11 41.34 -4.59
CA ARG B 26 1.03 41.07 -5.54
C ARG B 26 1.12 39.67 -6.10
N GLU B 27 2.33 39.18 -6.33
CA GLU B 27 2.48 37.84 -6.91
C GLU B 27 2.11 36.75 -5.92
N ILE B 28 2.31 36.99 -4.61
CA ILE B 28 1.87 36.00 -3.64
C ILE B 28 0.35 35.96 -3.56
N ILE B 29 -0.29 37.13 -3.62
CA ILE B 29 -1.75 37.17 -3.63
C ILE B 29 -2.29 36.42 -4.84
N ARG B 30 -1.72 36.66 -6.02
CA ARG B 30 -2.19 35.98 -7.22
C ARG B 30 -1.98 34.48 -7.11
N TYR B 31 -0.86 34.06 -6.52
CA TYR B 31 -0.61 32.63 -6.38
C TYR B 31 -1.63 31.97 -5.48
N ASN B 32 -2.01 32.63 -4.38
CA ASN B 32 -2.99 32.06 -3.48
C ASN B 32 -4.37 32.00 -4.10
N ILE B 33 -4.73 33.04 -4.86
CA ILE B 33 -6.08 33.13 -5.43
C ILE B 33 -6.22 32.20 -6.64
N ASP B 34 -5.23 32.20 -7.53
CA ASP B 34 -5.33 31.47 -8.79
C ASP B 34 -4.92 30.00 -8.66
N LYS B 35 -3.76 29.74 -8.04
CA LYS B 35 -3.23 28.38 -7.97
C LYS B 35 -3.73 27.62 -6.75
N MET B 36 -3.67 28.23 -5.57
CA MET B 36 -4.14 27.57 -4.36
C MET B 36 -5.66 27.56 -4.26
N LYS B 37 -6.34 28.44 -4.98
CA LYS B 37 -7.81 28.53 -4.98
C LYS B 37 -8.36 28.65 -3.55
N VAL B 38 -7.67 29.44 -2.72
CA VAL B 38 -8.15 29.68 -1.37
C VAL B 38 -9.47 30.45 -1.40
N ASP B 39 -10.22 30.34 -0.31
CA ASP B 39 -11.49 31.07 -0.19
C ASP B 39 -11.31 32.44 0.43
N GLY B 40 -10.13 32.76 0.96
CA GLY B 40 -9.91 34.08 1.53
C GLY B 40 -8.46 34.26 1.92
N LEU B 41 -8.12 35.50 2.24
CA LEU B 41 -6.78 35.89 2.67
C LEU B 41 -6.85 36.51 4.05
N TYR B 42 -5.95 36.09 4.92
CA TYR B 42 -5.79 36.67 6.26
C TYR B 42 -4.57 37.57 6.22
N VAL B 43 -4.80 38.88 6.33
CA VAL B 43 -3.78 39.90 6.12
C VAL B 43 -3.46 40.55 7.46
N GLY B 44 -2.17 40.67 7.75
CA GLY B 44 -1.72 41.34 8.96
C GLY B 44 -1.50 40.44 10.15
N GLY B 45 -1.59 39.13 9.97
CA GLY B 45 -1.44 38.22 11.09
C GLY B 45 -0.02 38.14 11.62
N SER B 46 0.11 37.57 12.81
CA SER B 46 1.41 37.36 13.45
C SER B 46 2.35 36.50 12.63
N THR B 47 1.83 35.74 11.65
CA THR B 47 2.62 34.83 10.84
C THR B 47 3.95 35.44 10.39
N GLY B 48 4.98 34.61 10.39
CA GLY B 48 6.27 35.01 9.87
C GLY B 48 6.91 36.16 10.62
N GLU B 49 7.02 37.31 9.97
CA GLU B 49 7.64 38.48 10.56
C GLU B 49 6.84 39.73 10.25
N ASN B 50 5.50 39.64 10.31
CA ASN B 50 4.66 40.76 9.93
C ASN B 50 4.51 41.78 11.04
N PHE B 51 4.63 41.36 12.30
CA PHE B 51 4.39 42.28 13.41
C PHE B 51 5.53 43.27 13.61
N MET B 52 6.60 43.17 12.83
CA MET B 52 7.72 44.09 12.97
C MET B 52 7.54 45.36 12.14
N ILE B 53 6.62 45.36 11.18
CA ILE B 53 6.52 46.49 10.25
C ILE B 53 5.76 47.65 10.89
N SER B 54 6.10 48.85 10.46
CA SER B 54 5.39 50.06 10.90
C SER B 54 3.90 49.96 10.61
N THR B 55 3.12 50.80 11.30
CA THR B 55 1.72 50.96 10.96
C THR B 55 1.54 51.48 9.55
N GLU B 56 2.43 52.37 9.09
CA GLU B 56 2.32 52.89 7.73
C GLU B 56 2.62 51.82 6.70
N GLU B 57 3.66 51.02 6.93
CA GLU B 57 3.87 49.84 6.08
C GLU B 57 2.71 48.86 6.19
N LYS B 58 2.03 48.84 7.34
CA LYS B 58 0.83 48.03 7.49
C LYS B 58 -0.31 48.58 6.64
N LYS B 59 -0.39 49.90 6.49
CA LYS B 59 -1.46 50.49 5.68
C LYS B 59 -1.23 50.20 4.20
N ARG B 60 0.03 50.21 3.76
CA ARG B 60 0.30 49.91 2.36
C ARG B 60 0.04 48.45 2.03
N VAL B 61 0.31 47.55 2.98
CA VAL B 61 0.02 46.13 2.75
C VAL B 61 -1.48 45.91 2.61
N PHE B 62 -2.28 46.54 3.49
CA PHE B 62 -3.73 46.38 3.42
C PHE B 62 -4.28 46.92 2.11
N GLU B 63 -3.72 48.02 1.62
CA GLU B 63 -4.21 48.61 0.39
C GLU B 63 -3.79 47.80 -0.84
N ILE B 64 -2.55 47.31 -0.86
CA ILE B 64 -2.10 46.45 -1.95
C ILE B 64 -2.92 45.17 -1.99
N ALA B 65 -3.23 44.60 -0.82
CA ALA B 65 -3.94 43.32 -0.79
C ALA B 65 -5.37 43.46 -1.30
N ILE B 66 -6.07 44.52 -0.90
CA ILE B 66 -7.46 44.65 -1.32
C ILE B 66 -7.52 45.02 -2.80
N ASP B 67 -6.49 45.68 -3.31
CA ASP B 67 -6.49 46.11 -4.71
C ASP B 67 -6.05 44.99 -5.65
N GLU B 68 -5.28 44.03 -5.17
CA GLU B 68 -4.89 42.89 -6.00
C GLU B 68 -5.93 41.78 -5.96
N ALA B 69 -6.60 41.59 -4.83
CA ALA B 69 -7.62 40.56 -4.70
C ALA B 69 -8.99 40.98 -5.23
N LYS B 70 -9.26 42.29 -5.40
CA LYS B 70 -10.60 42.78 -5.76
C LYS B 70 -11.67 42.18 -4.85
N ASP B 71 -12.62 41.47 -5.42
CA ASP B 71 -13.54 40.56 -4.73
C ASP B 71 -13.50 39.16 -5.29
N SER B 72 -12.31 38.62 -5.47
CA SER B 72 -12.27 37.20 -5.76
C SER B 72 -12.41 36.37 -4.48
N VAL B 73 -12.03 36.91 -3.33
CA VAL B 73 -11.99 36.14 -2.09
C VAL B 73 -12.42 37.00 -0.90
N ASN B 74 -12.72 36.31 0.22
CA ASN B 74 -12.92 36.99 1.49
C ASN B 74 -11.61 37.59 1.98
N LEU B 75 -11.72 38.69 2.71
CA LEU B 75 -10.56 39.35 3.29
C LEU B 75 -10.82 39.62 4.77
N ILE B 76 -9.85 39.27 5.61
CA ILE B 76 -9.87 39.58 7.03
C ILE B 76 -8.62 40.37 7.34
N ALA B 77 -8.78 41.48 8.06
CA ALA B 77 -7.69 42.39 8.38
C ALA B 77 -7.38 42.27 9.86
N GLN B 78 -6.17 41.83 10.19
CA GLN B 78 -5.71 41.77 11.57
C GLN B 78 -5.13 43.14 11.92
N VAL B 79 -5.78 43.86 12.84
CA VAL B 79 -5.44 45.25 13.11
C VAL B 79 -4.92 45.45 14.52
N GLY B 80 -4.77 44.40 15.31
CA GLY B 80 -4.30 44.51 16.67
C GLY B 80 -2.79 44.55 16.74
N SER B 81 -2.28 44.15 17.92
CA SER B 81 -0.87 43.93 18.23
C SER B 81 -0.30 45.05 19.09
N ILE B 82 -0.24 46.27 18.56
CA ILE B 82 0.55 47.33 19.18
C ILE B 82 -0.19 47.99 20.35
N ASN B 83 -1.29 48.70 20.08
CA ASN B 83 -2.12 49.26 21.14
C ASN B 83 -3.53 49.52 20.60
N LEU B 84 -4.38 50.14 21.43
CA LEU B 84 -5.79 50.33 21.09
C LEU B 84 -6.00 51.47 20.12
N ASN B 85 -5.11 52.48 20.16
CA ASN B 85 -5.25 53.62 19.26
C ASN B 85 -4.76 53.28 17.86
N GLU B 86 -3.71 52.46 17.75
CA GLU B 86 -3.30 51.96 16.44
C GLU B 86 -4.33 50.98 15.89
N ALA B 87 -4.91 50.15 16.76
CA ALA B 87 -5.93 49.21 16.31
C ALA B 87 -7.15 49.95 15.77
N VAL B 88 -7.54 51.05 16.42
CA VAL B 88 -8.70 51.80 15.96
C VAL B 88 -8.36 52.59 14.70
N GLU B 89 -7.15 53.16 14.64
CA GLU B 89 -6.75 53.88 13.44
C GLU B 89 -6.62 52.94 12.25
N LEU B 90 -5.99 51.78 12.45
CA LEU B 90 -5.95 50.77 11.39
C LEU B 90 -7.34 50.25 11.08
N GLY B 91 -8.15 50.03 12.11
CA GLY B 91 -9.47 49.47 11.91
C GLY B 91 -10.36 50.36 11.05
N LYS B 92 -10.25 51.68 11.20
CA LYS B 92 -11.05 52.56 10.38
C LYS B 92 -10.44 52.80 9.00
N TYR B 93 -9.12 52.61 8.88
CA TYR B 93 -8.49 52.73 7.57
C TYR B 93 -8.93 51.58 6.64
N VAL B 94 -8.80 50.34 7.13
CA VAL B 94 -9.14 49.20 6.30
C VAL B 94 -10.65 49.06 6.13
N THR B 95 -11.43 49.62 7.04
CA THR B 95 -12.88 49.63 6.84
C THR B 95 -13.26 50.55 5.69
N LYS B 96 -12.58 51.70 5.56
CA LYS B 96 -12.83 52.59 4.44
C LYS B 96 -12.28 52.02 3.14
N LEU B 97 -11.29 51.14 3.21
CA LEU B 97 -10.73 50.53 2.01
C LEU B 97 -11.60 49.40 1.47
N GLY B 98 -12.55 48.90 2.25
CA GLY B 98 -13.46 47.87 1.80
C GLY B 98 -13.36 46.55 2.54
N TYR B 99 -12.50 46.41 3.55
CA TYR B 99 -12.45 45.17 4.30
C TYR B 99 -13.74 44.99 5.10
N LYS B 100 -14.36 43.82 4.97
CA LYS B 100 -15.63 43.55 5.61
C LYS B 100 -15.50 42.78 6.91
N CYS B 101 -14.29 42.39 7.31
CA CYS B 101 -14.12 41.70 8.59
C CYS B 101 -12.76 42.03 9.19
N LEU B 102 -12.75 42.18 10.50
CA LEU B 102 -11.54 42.49 11.24
C LEU B 102 -11.23 41.38 12.22
N SER B 103 -9.98 41.33 12.63
CA SER B 103 -9.54 40.53 13.76
C SER B 103 -8.50 41.34 14.52
N ALA B 104 -8.30 40.99 15.78
CA ALA B 104 -7.39 41.76 16.62
C ALA B 104 -6.87 40.87 17.73
N VAL B 105 -5.57 40.74 17.83
CA VAL B 105 -4.98 40.16 19.02
C VAL B 105 -4.91 41.26 20.08
N THR B 106 -4.96 40.85 21.34
CA THR B 106 -4.83 41.81 22.42
C THR B 106 -3.45 42.46 22.37
N PRO B 107 -3.28 43.64 22.97
CA PRO B 107 -1.96 44.28 22.95
C PRO B 107 -0.94 43.45 23.73
N PHE B 108 0.33 43.63 23.37
CA PHE B 108 1.42 42.87 23.95
C PHE B 108 2.05 43.51 25.18
N TYR B 109 1.80 44.80 25.42
CA TYR B 109 2.54 45.56 26.42
C TYR B 109 2.03 45.39 27.85
N TYR B 110 0.95 44.64 28.06
CA TYR B 110 0.36 44.55 29.39
C TYR B 110 -0.53 43.32 29.46
N LYS B 111 -0.60 42.72 30.66
CA LYS B 111 -1.45 41.55 30.91
C LYS B 111 -2.81 42.04 31.38
N PHE B 112 -3.75 42.17 30.45
CA PHE B 112 -5.07 42.70 30.77
C PHE B 112 -5.96 41.62 31.36
N ASP B 113 -6.74 42.02 32.38
CA ASP B 113 -7.79 41.16 32.87
C ASP B 113 -8.89 41.05 31.82
N PHE B 114 -9.83 40.13 32.04
CA PHE B 114 -10.83 39.88 31.02
C PHE B 114 -11.75 41.07 30.83
N SER B 115 -12.09 41.76 31.91
CA SER B 115 -12.99 42.91 31.79
C SER B 115 -12.37 44.04 30.96
N GLU B 116 -11.05 44.09 30.83
CA GLU B 116 -10.41 45.07 29.96
C GLU B 116 -10.20 44.53 28.55
N ILE B 117 -10.13 43.21 28.38
CA ILE B 117 -10.17 42.62 27.05
C ILE B 117 -11.50 42.90 26.38
N LYS B 118 -12.60 42.77 27.13
CA LYS B 118 -13.92 43.00 26.55
C LYS B 118 -14.09 44.45 26.13
N ASP B 119 -13.63 45.38 26.96
CA ASP B 119 -13.65 46.79 26.54
C ASP B 119 -12.79 47.00 25.31
N TYR B 120 -11.64 46.32 25.24
CA TYR B 120 -10.78 46.42 24.08
C TYR B 120 -11.51 46.04 22.80
N TYR B 121 -12.11 44.85 22.77
CA TYR B 121 -12.81 44.39 21.58
C TYR B 121 -14.05 45.23 21.29
N GLU B 122 -14.82 45.56 22.32
CA GLU B 122 -16.04 46.34 22.10
C GLU B 122 -15.73 47.74 21.60
N THR B 123 -14.56 48.28 21.93
CA THR B 123 -14.21 49.62 21.47
C THR B 123 -13.86 49.61 19.99
N ILE B 124 -13.15 48.57 19.54
CA ILE B 124 -12.81 48.49 18.13
C ILE B 124 -14.07 48.32 17.28
N VAL B 125 -15.07 47.60 17.81
CA VAL B 125 -16.30 47.38 17.06
C VAL B 125 -17.12 48.66 16.99
N ARG B 126 -17.13 49.45 18.07
CA ARG B 126 -17.93 50.66 18.08
C ARG B 126 -17.31 51.76 17.22
N GLU B 127 -15.98 51.84 17.17
CA GLU B 127 -15.32 52.93 16.48
C GLU B 127 -15.13 52.68 14.99
N THR B 128 -15.20 51.43 14.54
CA THR B 128 -15.13 51.12 13.13
C THR B 128 -16.46 50.69 12.53
N GLY B 129 -17.35 50.11 13.32
CA GLY B 129 -18.59 49.57 12.80
C GLY B 129 -18.45 48.28 12.04
N ASN B 130 -17.25 47.70 12.02
CA ASN B 130 -16.96 46.50 11.26
C ASN B 130 -17.21 45.25 12.10
N TYR B 131 -17.22 44.09 11.42
CA TYR B 131 -17.29 42.82 12.10
C TYR B 131 -15.93 42.46 12.68
N MET B 132 -15.94 41.56 13.66
CA MET B 132 -14.73 41.25 14.41
C MET B 132 -14.64 39.75 14.68
N ILE B 133 -13.45 39.20 14.45
CA ILE B 133 -13.09 37.85 14.87
C ILE B 133 -12.12 37.97 16.03
N ILE B 134 -12.41 37.29 17.14
CA ILE B 134 -11.55 37.33 18.31
C ILE B 134 -10.63 36.12 18.30
N TYR B 135 -9.61 36.16 19.15
CA TYR B 135 -8.67 35.07 19.32
C TYR B 135 -9.01 34.37 20.63
N SER B 136 -8.97 33.03 20.61
CA SER B 136 -9.30 32.27 21.80
C SER B 136 -8.26 32.45 22.91
N ILE B 137 -7.04 32.84 22.56
CA ILE B 137 -5.97 33.08 23.53
C ILE B 137 -5.55 34.54 23.45
N PRO B 138 -5.69 35.31 24.53
CA PRO B 138 -5.12 36.67 24.55
C PRO B 138 -3.62 36.63 24.28
N PHE B 139 -3.16 37.58 23.47
CA PHE B 139 -1.78 37.65 23.02
C PHE B 139 -0.81 37.42 24.18
N LEU B 140 0.02 36.37 24.04
CA LEU B 140 1.10 36.08 24.98
C LEU B 140 0.57 35.83 26.40
N THR B 141 -0.45 34.98 26.52
CA THR B 141 -0.89 34.51 27.83
C THR B 141 -0.93 32.98 27.88
N GLY B 142 -1.15 32.35 26.73
CA GLY B 142 -1.09 30.90 26.64
C GLY B 142 -2.34 30.15 27.08
N VAL B 143 -3.15 30.77 27.94
CA VAL B 143 -4.34 30.13 28.48
C VAL B 143 -5.54 30.52 27.62
N ASN B 144 -6.32 29.52 27.21
CA ASN B 144 -7.56 29.79 26.50
C ASN B 144 -8.55 30.51 27.41
N MET B 145 -9.44 31.30 26.79
CA MET B 145 -10.51 31.94 27.52
C MET B 145 -11.54 30.91 27.99
N SER B 146 -12.24 31.26 29.08
CA SER B 146 -13.31 30.41 29.59
C SER B 146 -14.53 30.47 28.65
N LEU B 147 -15.34 29.42 28.73
CA LEU B 147 -16.57 29.39 27.96
C LEU B 147 -17.53 30.49 28.40
N SER B 148 -17.50 30.85 29.69
CA SER B 148 -18.30 31.98 30.15
C SER B 148 -17.78 33.29 29.57
N GLN B 149 -16.46 33.41 29.41
CA GLN B 149 -15.89 34.63 28.83
C GLN B 149 -16.25 34.75 27.36
N PHE B 150 -16.32 33.62 26.65
CA PHE B 150 -16.82 33.66 25.27
C PHE B 150 -18.24 34.19 25.23
N GLY B 151 -19.06 33.79 26.21
CA GLY B 151 -20.44 34.24 26.23
C GLY B 151 -20.57 35.74 26.40
N GLU B 152 -19.75 36.33 27.27
CA GLU B 152 -19.80 37.77 27.47
C GLU B 152 -19.36 38.52 26.22
N LEU B 153 -18.36 37.99 25.51
CA LEU B 153 -17.92 38.64 24.27
C LEU B 153 -18.95 38.45 23.17
N PHE B 154 -19.49 37.24 23.03
CA PHE B 154 -20.45 36.93 21.99
C PHE B 154 -21.81 37.59 22.22
N GLU B 155 -22.00 38.29 23.33
CA GLU B 155 -23.21 39.08 23.49
C GLU B 155 -23.25 40.22 22.47
N ASN B 156 -22.09 40.69 22.02
CA ASN B 156 -22.01 41.68 20.95
C ASN B 156 -22.26 40.99 19.61
N GLU B 157 -23.19 41.53 18.82
CA GLU B 157 -23.58 40.87 17.59
C GLU B 157 -22.58 41.08 16.47
N LYS B 158 -21.71 42.09 16.56
CA LYS B 158 -20.69 42.31 15.55
C LYS B 158 -19.39 41.58 15.87
N ILE B 159 -19.33 40.85 16.97
CA ILE B 159 -18.27 39.87 17.21
C ILE B 159 -18.81 38.55 16.67
N ILE B 160 -18.43 38.23 15.43
CA ILE B 160 -19.11 37.16 14.71
C ILE B 160 -18.40 35.83 14.80
N GLY B 161 -17.22 35.77 15.40
CA GLY B 161 -16.52 34.51 15.42
C GLY B 161 -15.24 34.53 16.23
N VAL B 162 -14.55 33.40 16.22
CA VAL B 162 -13.35 33.22 17.01
C VAL B 162 -12.38 32.35 16.23
N LYS B 163 -11.10 32.72 16.27
CA LYS B 163 -10.01 31.92 15.71
C LYS B 163 -9.32 31.16 16.84
N PHE B 164 -9.38 29.83 16.80
CA PHE B 164 -8.73 28.97 17.79
C PHE B 164 -7.29 28.73 17.39
N THR B 165 -6.35 29.06 18.29
CA THR B 165 -4.94 28.86 18.03
C THR B 165 -4.36 27.64 18.73
N ALA B 166 -4.85 27.29 19.92
CA ALA B 166 -4.43 26.08 20.61
C ALA B 166 -5.37 24.95 20.25
N GLY B 167 -4.82 23.74 20.13
CA GLY B 167 -5.61 22.60 19.74
C GLY B 167 -6.31 21.92 20.90
N ASP B 168 -7.14 22.66 21.62
CA ASP B 168 -7.97 22.10 22.69
C ASP B 168 -9.34 21.75 22.08
N PHE B 169 -9.51 20.49 21.71
CA PHE B 169 -10.72 20.10 21.03
C PHE B 169 -11.91 19.97 21.98
N TYR B 170 -11.66 19.79 23.28
CA TYR B 170 -12.78 19.80 24.22
C TYR B 170 -13.42 21.18 24.26
N LEU B 171 -12.61 22.22 24.43
CA LEU B 171 -13.13 23.58 24.43
C LEU B 171 -13.70 23.94 23.06
N LEU B 172 -13.06 23.49 21.98
CA LEU B 172 -13.58 23.76 20.64
C LEU B 172 -15.00 23.20 20.50
N GLU B 173 -15.20 21.97 20.96
CA GLU B 173 -16.53 21.36 20.88
C GLU B 173 -17.53 22.11 21.75
N ARG B 174 -17.11 22.56 22.94
CA ARG B 174 -18.05 23.26 23.82
C ARG B 174 -18.47 24.60 23.21
N VAL B 175 -17.51 25.37 22.69
CA VAL B 175 -17.85 26.64 22.06
C VAL B 175 -18.74 26.40 20.84
N ARG B 176 -18.49 25.31 20.11
CA ARG B 176 -19.27 25.04 18.91
C ARG B 176 -20.75 24.82 19.26
N LYS B 177 -21.01 24.08 20.33
CA LYS B 177 -22.40 23.81 20.70
C LYS B 177 -23.04 25.01 21.38
N ALA B 178 -22.29 25.73 22.21
CA ALA B 178 -22.87 26.85 22.94
C ALA B 178 -23.21 28.02 22.01
N PHE B 179 -22.51 28.17 20.89
CA PHE B 179 -22.70 29.29 19.98
C PHE B 179 -22.78 28.78 18.54
N PRO B 180 -23.90 28.14 18.19
CA PRO B 180 -24.03 27.62 16.81
C PRO B 180 -24.13 28.71 15.76
N ASP B 181 -24.38 29.96 16.15
CA ASP B 181 -24.55 31.06 15.22
C ASP B 181 -23.27 31.84 14.96
N LYS B 182 -22.16 31.45 15.55
CA LYS B 182 -20.90 32.17 15.38
C LYS B 182 -19.94 31.37 14.52
N LEU B 183 -19.01 32.07 13.88
CA LEU B 183 -17.98 31.41 13.08
C LEU B 183 -16.84 30.93 13.97
N ILE B 184 -16.29 29.77 13.65
CA ILE B 184 -15.13 29.25 14.35
C ILE B 184 -14.09 28.84 13.32
N PHE B 185 -12.89 29.41 13.43
CA PHE B 185 -11.81 29.12 12.51
C PHE B 185 -10.72 28.35 13.24
N ALA B 186 -10.26 27.26 12.62
CA ALA B 186 -9.09 26.53 13.11
C ALA B 186 -7.81 27.24 12.67
N GLY B 187 -6.88 27.38 13.60
CA GLY B 187 -5.59 27.95 13.27
C GLY B 187 -4.46 26.95 13.44
N PHE B 188 -4.70 25.70 13.05
CA PHE B 188 -3.69 24.65 13.16
C PHE B 188 -3.84 23.72 11.96
N ASP B 189 -2.87 23.78 11.03
CA ASP B 189 -3.01 23.06 9.76
C ASP B 189 -2.79 21.56 9.93
N GLU B 190 -2.00 21.15 10.91
CA GLU B 190 -1.71 19.73 11.12
C GLU B 190 -2.91 18.96 11.66
N MET B 191 -3.95 19.63 12.13
CA MET B 191 -5.12 18.99 12.72
C MET B 191 -6.39 19.48 12.03
N LEU B 192 -6.35 19.65 10.72
CA LEU B 192 -7.52 20.17 10.01
C LEU B 192 -8.67 19.17 10.05
N LEU B 193 -8.38 17.90 9.77
CA LEU B 193 -9.43 16.88 9.79
C LEU B 193 -10.15 16.78 11.14
N PRO B 194 -9.47 16.70 12.29
CA PRO B 194 -10.21 16.66 13.56
C PRO B 194 -11.07 17.90 13.81
N ALA B 195 -10.57 19.09 13.47
CA ALA B 195 -11.35 20.30 13.68
C ALA B 195 -12.60 20.33 12.79
N THR B 196 -12.50 19.81 11.56
CA THR B 196 -13.61 19.92 10.63
C THR B 196 -14.80 19.06 11.06
N VAL B 197 -14.54 17.87 11.60
CA VAL B 197 -15.63 17.00 12.02
C VAL B 197 -16.31 17.50 13.30
N LEU B 198 -15.70 18.45 14.00
CA LEU B 198 -16.34 19.11 15.13
C LEU B 198 -17.03 20.41 14.70
N GLY B 199 -17.10 20.70 13.41
CA GLY B 199 -17.94 21.76 12.90
C GLY B 199 -17.31 23.13 12.78
N VAL B 200 -15.99 23.22 12.56
CA VAL B 200 -15.39 24.52 12.32
C VAL B 200 -15.85 25.03 10.94
N ASP B 201 -15.97 26.35 10.83
CA ASP B 201 -16.47 26.99 9.61
C ASP B 201 -15.35 27.31 8.62
N GLY B 202 -14.10 27.21 9.04
CA GLY B 202 -12.99 27.51 8.16
C GLY B 202 -11.69 27.30 8.91
N ALA B 203 -10.60 27.55 8.18
CA ALA B 203 -9.27 27.42 8.73
C ALA B 203 -8.40 28.57 8.24
N ILE B 204 -7.59 29.11 9.13
CA ILE B 204 -6.65 30.16 8.81
C ILE B 204 -5.26 29.62 9.11
N GLY B 205 -4.43 29.53 8.09
CA GLY B 205 -3.15 28.86 8.26
C GLY B 205 -2.12 29.39 7.28
N SER B 206 -0.86 29.13 7.60
CA SER B 206 0.22 29.61 6.75
C SER B 206 0.72 28.54 5.79
N THR B 207 0.48 27.27 6.08
CA THR B 207 0.81 26.22 5.10
C THR B 207 -0.07 26.29 3.86
N TYR B 208 -1.23 26.95 3.94
CA TYR B 208 -2.10 27.03 2.78
C TYR B 208 -1.56 27.95 1.69
N ASN B 209 -0.46 28.68 1.97
CA ASN B 209 0.23 29.40 0.91
C ASN B 209 0.78 28.45 -0.15
N ILE B 210 1.08 27.21 0.24
CA ILE B 210 1.64 26.23 -0.68
C ILE B 210 0.86 24.93 -0.73
N ASN B 211 0.03 24.62 0.25
CA ASN B 211 -0.70 23.35 0.32
C ASN B 211 -2.21 23.60 0.35
N GLY B 212 -2.65 24.72 -0.23
CA GLY B 212 -4.06 25.05 -0.18
C GLY B 212 -4.95 24.03 -0.88
N ILE B 213 -4.41 23.36 -1.90
CA ILE B 213 -5.20 22.37 -2.64
C ILE B 213 -5.58 21.22 -1.73
N ARG B 214 -4.60 20.61 -1.05
CA ARG B 214 -4.90 19.51 -0.15
C ARG B 214 -5.80 19.93 0.99
N ALA B 215 -5.61 21.15 1.51
CA ALA B 215 -6.42 21.60 2.62
C ALA B 215 -7.88 21.79 2.22
N LYS B 216 -8.11 22.34 1.02
CA LYS B 216 -9.48 22.47 0.54
C LYS B 216 -10.12 21.09 0.39
N GLN B 217 -9.35 20.10 -0.07
CA GLN B 217 -9.90 18.75 -0.23
C GLN B 217 -10.24 18.15 1.12
N ILE B 218 -9.35 18.26 2.11
CA ILE B 218 -9.63 17.75 3.44
C ILE B 218 -10.89 18.41 3.99
N PHE B 219 -10.99 19.73 3.82
CA PHE B 219 -12.16 20.45 4.33
C PHE B 219 -13.44 19.98 3.66
N GLU B 220 -13.44 19.84 2.33
CA GLU B 220 -14.64 19.44 1.61
C GLU B 220 -14.99 17.98 1.84
N LEU B 221 -13.99 17.08 1.80
CA LEU B 221 -14.27 15.66 1.99
C LEU B 221 -14.78 15.35 3.38
N ALA B 222 -14.26 16.06 4.39
CA ALA B 222 -14.68 15.78 5.76
C ALA B 222 -16.07 16.31 6.04
N LYS B 223 -16.43 17.46 5.47
CA LYS B 223 -17.78 17.99 5.65
C LYS B 223 -18.82 17.21 4.86
N ASN B 224 -18.40 16.26 4.03
CA ASN B 224 -19.29 15.39 3.29
C ASN B 224 -19.20 13.95 3.75
N SER B 225 -18.78 13.76 5.01
CA SER B 225 -18.56 12.45 5.60
C SER B 225 -17.89 11.44 4.66
N LYS B 226 -16.67 11.71 4.23
CA LYS B 226 -15.81 10.73 3.56
C LYS B 226 -14.49 10.71 4.32
N ILE B 227 -14.50 10.16 5.53
CA ILE B 227 -13.35 10.32 6.41
C ILE B 227 -12.16 9.54 5.88
N ASP B 228 -12.41 8.36 5.27
CA ASP B 228 -11.31 7.52 4.81
C ASP B 228 -10.41 8.27 3.83
N GLU B 229 -11.00 8.90 2.83
CA GLU B 229 -10.20 9.64 1.85
C GLU B 229 -9.60 10.88 2.47
N ALA B 230 -10.33 11.54 3.38
CA ALA B 230 -9.81 12.76 4.00
C ALA B 230 -8.61 12.44 4.88
N LEU B 231 -8.64 11.32 5.59
CA LEU B 231 -7.52 10.97 6.47
C LEU B 231 -6.26 10.68 5.67
N LYS B 232 -6.39 10.13 4.46
CA LYS B 232 -5.20 9.85 3.67
C LYS B 232 -4.51 11.14 3.22
N ILE B 233 -5.30 12.14 2.84
CA ILE B 233 -4.74 13.43 2.45
C ILE B 233 -4.18 14.17 3.66
N GLN B 234 -4.82 14.02 4.82
CA GLN B 234 -4.26 14.63 6.02
C GLN B 234 -2.92 13.98 6.37
N HIS B 235 -2.80 12.67 6.13
CA HIS B 235 -1.52 11.99 6.32
C HIS B 235 -0.43 12.57 5.42
N THR B 236 -0.77 12.82 4.15
CA THR B 236 0.21 13.39 3.23
C THR B 236 0.54 14.82 3.60
N THR B 237 -0.48 15.60 3.99
CA THR B 237 -0.26 16.97 4.43
C THR B 237 0.66 17.03 5.64
N ASN B 238 0.49 16.12 6.59
CA ASN B 238 1.32 16.15 7.78
C ASN B 238 2.73 15.64 7.52
N ASP B 239 2.93 14.84 6.47
CA ASP B 239 4.29 14.50 6.07
C ASP B 239 5.00 15.72 5.51
N LEU B 240 4.27 16.57 4.79
CA LEU B 240 4.82 17.84 4.31
C LEU B 240 5.10 18.76 5.49
N ILE B 241 4.14 18.90 6.41
CA ILE B 241 4.29 19.84 7.51
C ILE B 241 5.44 19.41 8.44
N GLU B 242 5.56 18.10 8.69
CA GLU B 242 6.67 17.61 9.51
C GLU B 242 8.00 17.95 8.87
N GLY B 243 8.12 17.82 7.55
CA GLY B 243 9.33 18.21 6.88
C GLY B 243 9.55 19.72 6.91
N ILE B 244 8.50 20.49 6.65
CA ILE B 244 8.59 21.95 6.73
C ILE B 244 9.04 22.39 8.11
N LEU B 245 8.50 21.77 9.17
CA LEU B 245 8.87 22.16 10.53
C LEU B 245 10.31 21.77 10.84
N SER B 246 10.69 20.53 10.48
CA SER B 246 12.08 20.10 10.60
C SER B 246 13.06 21.08 9.96
N ASN B 247 12.65 21.70 8.85
CA ASN B 247 13.54 22.53 8.04
C ASN B 247 13.43 24.02 8.37
N GLY B 248 12.54 24.40 9.29
CA GLY B 248 12.28 25.81 9.54
C GLY B 248 11.08 26.30 8.76
N LEU B 249 9.94 26.50 9.44
CA LEU B 249 8.68 26.64 8.73
C LEU B 249 8.65 27.92 7.88
N TYR B 250 8.98 29.05 8.49
CA TYR B 250 8.89 30.33 7.79
C TYR B 250 9.80 30.36 6.56
N GLN B 251 11.04 29.89 6.71
CA GLN B 251 11.96 29.96 5.59
C GLN B 251 11.68 28.90 4.53
N THR B 252 11.17 27.73 4.93
CA THR B 252 10.89 26.68 3.96
C THR B 252 9.70 27.05 3.09
N ILE B 253 8.68 27.68 3.68
CA ILE B 253 7.54 28.13 2.89
C ILE B 253 7.98 29.16 1.87
N LYS B 254 8.85 30.08 2.27
CA LYS B 254 9.34 31.09 1.34
C LYS B 254 10.16 30.45 0.22
N GLU B 255 11.02 29.48 0.57
CA GLU B 255 11.86 28.86 -0.45
C GLU B 255 11.04 27.97 -1.39
N ILE B 256 9.96 27.38 -0.88
CA ILE B 256 9.08 26.60 -1.75
C ILE B 256 8.30 27.50 -2.67
N LEU B 257 7.89 28.68 -2.18
CA LEU B 257 7.20 29.62 -3.05
C LEU B 257 8.10 30.13 -4.17
N LYS B 258 9.41 30.19 -3.92
CA LYS B 258 10.36 30.58 -4.96
C LYS B 258 10.61 29.46 -5.96
N LEU B 259 10.46 28.20 -5.56
CA LEU B 259 10.59 27.09 -6.50
C LEU B 259 9.43 27.03 -7.49
N GLU B 260 8.33 27.73 -7.22
CA GLU B 260 7.20 27.80 -8.13
C GLU B 260 7.06 29.17 -8.80
N GLY B 261 8.10 30.00 -8.76
CA GLY B 261 8.12 31.24 -9.51
C GLY B 261 7.53 32.46 -8.84
N VAL B 262 7.49 32.51 -7.51
CA VAL B 262 6.96 33.64 -6.76
C VAL B 262 8.11 34.30 -6.01
N ASP B 263 8.25 35.61 -6.17
CA ASP B 263 9.31 36.38 -5.50
C ASP B 263 8.94 36.53 -4.02
N ALA B 264 9.47 35.63 -3.20
CA ALA B 264 9.17 35.62 -1.77
C ALA B 264 10.06 36.56 -0.96
N GLY B 265 10.96 37.30 -1.62
CA GLY B 265 11.72 38.32 -0.93
C GLY B 265 12.85 37.78 -0.08
N TYR B 266 13.41 38.68 0.73
CA TYR B 266 14.57 38.40 1.57
C TYR B 266 14.19 38.42 3.03
N CYS B 267 15.10 37.93 3.88
CA CYS B 267 14.92 37.96 5.31
C CYS B 267 15.50 39.24 5.90
N ARG B 268 14.92 39.67 7.03
CA ARG B 268 15.37 40.87 7.72
C ARG B 268 16.24 40.50 8.92
N LYS B 269 17.29 41.28 9.15
CA LYS B 269 18.12 41.07 10.32
C LYS B 269 17.28 41.20 11.59
N PRO B 270 17.59 40.42 12.63
CA PRO B 270 18.74 39.52 12.75
C PRO B 270 18.47 38.07 12.33
N MET B 271 17.44 37.83 11.53
CA MET B 271 17.14 36.47 11.11
C MET B 271 18.24 35.92 10.22
N LYS B 272 18.63 34.67 10.46
CA LYS B 272 19.71 34.06 9.71
C LYS B 272 19.23 33.62 8.33
N LYS B 273 20.13 33.70 7.36
CA LYS B 273 19.80 33.29 6.01
C LYS B 273 19.73 31.77 5.91
N ILE B 274 18.83 31.29 5.04
CA ILE B 274 18.63 29.86 4.88
C ILE B 274 19.87 29.22 4.27
N SER B 275 20.21 28.02 4.73
CA SER B 275 21.41 27.31 4.30
C SER B 275 21.19 26.60 2.97
N GLN B 276 22.29 26.10 2.40
CA GLN B 276 22.20 25.27 1.21
C GLN B 276 21.54 23.93 1.52
N LYS B 277 21.84 23.37 2.70
CA LYS B 277 21.23 22.11 3.10
C LYS B 277 19.71 22.25 3.20
N GLN B 278 19.23 23.40 3.66
CA GLN B 278 17.78 23.61 3.78
C GLN B 278 17.14 23.96 2.44
N ILE B 279 17.88 24.59 1.53
CA ILE B 279 17.35 24.81 0.19
C ILE B 279 17.17 23.49 -0.53
N GLU B 280 18.16 22.59 -0.43
CA GLU B 280 18.04 21.29 -1.08
C GLU B 280 16.92 20.47 -0.45
N PHE B 281 16.73 20.60 0.86
CA PHE B 281 15.64 19.88 1.52
C PHE B 281 14.29 20.44 1.09
N ALA B 282 14.20 21.76 0.94
CA ALA B 282 12.96 22.35 0.43
C ALA B 282 12.65 21.85 -0.97
N LYS B 283 13.69 21.63 -1.79
CA LYS B 283 13.47 21.14 -3.15
C LYS B 283 13.00 19.70 -3.15
N GLU B 284 13.56 18.86 -2.26
CA GLU B 284 13.08 17.48 -2.16
C GLU B 284 11.61 17.44 -1.74
N LEU B 285 11.24 18.25 -0.75
CA LEU B 285 9.85 18.32 -0.33
C LEU B 285 8.95 18.80 -1.46
N HIS B 286 9.43 19.77 -2.23
CA HIS B 286 8.64 20.29 -3.35
C HIS B 286 8.38 19.20 -4.38
N LYS B 287 9.45 18.51 -4.82
CA LYS B 287 9.28 17.46 -5.82
C LYS B 287 8.46 16.30 -5.30
N LYS B 288 8.55 16.01 -4.00
CA LYS B 288 7.83 14.87 -3.44
C LYS B 288 6.36 15.17 -3.21
N PHE B 289 6.01 16.41 -2.82
CA PHE B 289 4.68 16.69 -2.34
C PHE B 289 3.88 17.68 -3.17
N LEU B 290 4.51 18.51 -4.00
CA LEU B 290 3.78 19.61 -4.60
C LEU B 290 4.02 19.81 -6.10
N LYS B 291 4.84 18.99 -6.74
CA LYS B 291 5.06 19.14 -8.18
C LYS B 291 4.43 18.00 -8.96
N PHE C 2 22.33 0.18 -26.83
CA PHE C 2 22.25 1.61 -26.61
C PHE C 2 20.80 2.08 -26.64
N MET C 3 19.92 1.23 -27.15
CA MET C 3 18.49 1.54 -27.22
C MET C 3 17.72 0.93 -26.06
N LYS C 4 18.38 0.73 -24.92
CA LYS C 4 17.75 0.05 -23.81
C LYS C 4 16.57 0.87 -23.27
N GLY C 5 15.67 0.18 -22.58
CA GLY C 5 14.68 0.86 -21.79
C GLY C 5 13.26 0.52 -22.20
N ILE C 6 12.32 1.19 -21.56
CA ILE C 6 10.90 0.99 -21.78
C ILE C 6 10.44 1.86 -22.94
N TYR C 7 9.73 1.25 -23.89
CA TYR C 7 9.13 1.94 -25.03
C TYR C 7 7.62 1.82 -24.94
N SER C 8 6.93 2.92 -25.17
CA SER C 8 5.48 2.89 -25.20
C SER C 8 5.03 2.82 -26.64
N ALA C 9 4.04 1.96 -26.92
CA ALA C 9 3.57 1.82 -28.30
C ALA C 9 2.51 2.88 -28.52
N LEU C 10 2.85 3.94 -29.26
CA LEU C 10 1.91 5.03 -29.50
C LEU C 10 0.71 4.54 -30.30
N MET C 11 -0.49 4.78 -29.78
CA MET C 11 -1.71 4.57 -30.56
C MET C 11 -2.22 5.92 -31.05
N VAL C 12 -2.60 5.99 -32.32
CA VAL C 12 -2.96 7.23 -32.97
C VAL C 12 -4.39 7.61 -32.60
N PRO C 13 -4.63 8.81 -32.08
CA PRO C 13 -6.00 9.24 -31.82
C PRO C 13 -6.66 9.78 -33.08
N TYR C 14 -7.97 9.59 -33.18
CA TYR C 14 -8.71 9.96 -34.38
C TYR C 14 -9.76 11.01 -34.08
N ASN C 15 -10.00 11.88 -35.06
CA ASN C 15 -11.08 12.84 -34.98
C ASN C 15 -12.42 12.15 -35.23
N GLU C 16 -13.51 12.90 -35.06
CA GLU C 16 -14.84 12.34 -35.26
C GLU C 16 -15.02 11.80 -36.67
N ASP C 17 -14.39 12.42 -37.66
CA ASP C 17 -14.55 12.04 -39.06
C ASP C 17 -13.56 10.98 -39.51
N GLY C 18 -12.65 10.53 -38.65
CA GLY C 18 -11.71 9.49 -38.98
C GLY C 18 -10.30 9.96 -39.28
N SER C 19 -10.11 11.25 -39.59
CA SER C 19 -8.76 11.74 -39.77
C SER C 19 -8.01 11.69 -38.44
N ILE C 20 -6.70 11.86 -38.51
CA ILE C 20 -5.88 11.80 -37.30
C ILE C 20 -5.94 13.13 -36.57
N ASN C 21 -6.03 13.06 -35.25
CA ASN C 21 -6.11 14.21 -34.37
C ASN C 21 -4.70 14.65 -34.03
N GLU C 22 -4.17 15.59 -34.81
CA GLU C 22 -2.77 16.00 -34.65
C GLU C 22 -2.52 16.60 -33.27
N LYS C 23 -3.45 17.44 -32.79
CA LYS C 23 -3.28 18.02 -31.47
C LYS C 23 -3.32 16.96 -30.39
N GLY C 24 -4.22 15.99 -30.51
CA GLY C 24 -4.28 14.91 -29.54
C GLY C 24 -3.06 14.01 -29.61
N LEU C 25 -2.54 13.79 -30.82
CA LEU C 25 -1.33 12.99 -30.95
C LEU C 25 -0.15 13.65 -30.27
N ARG C 26 -0.02 14.97 -30.42
CA ARG C 26 1.07 15.68 -29.74
C ARG C 26 0.93 15.57 -28.23
N GLU C 27 -0.31 15.57 -27.72
CA GLU C 27 -0.53 15.50 -26.28
C GLU C 27 -0.20 14.13 -25.71
N ILE C 28 -0.41 13.07 -26.49
CA ILE C 28 -0.03 11.73 -26.02
C ILE C 28 1.47 11.58 -25.99
N ILE C 29 2.17 12.14 -26.98
CA ILE C 29 3.63 12.09 -26.99
C ILE C 29 4.19 12.83 -25.77
N ARG C 30 3.64 14.01 -25.48
CA ARG C 30 4.12 14.78 -24.33
C ARG C 30 3.83 14.03 -23.02
N TYR C 31 2.67 13.38 -22.93
CA TYR C 31 2.35 12.65 -21.71
C TYR C 31 3.30 11.49 -21.48
N ASN C 32 3.66 10.78 -22.56
CA ASN C 32 4.57 9.65 -22.42
C ASN C 32 5.98 10.12 -22.06
N ILE C 33 6.42 11.24 -22.65
CA ILE C 33 7.78 11.70 -22.40
C ILE C 33 7.91 12.37 -21.03
N ASP C 34 6.96 13.23 -20.67
CA ASP C 34 7.08 14.03 -19.45
C ASP C 34 6.57 13.29 -18.22
N LYS C 35 5.37 12.71 -18.29
CA LYS C 35 4.75 12.09 -17.13
C LYS C 35 5.14 10.62 -16.96
N MET C 36 5.04 9.84 -18.04
CA MET C 36 5.42 8.43 -17.96
C MET C 36 6.94 8.24 -17.97
N LYS C 37 7.69 9.25 -18.42
CA LYS C 37 9.16 9.20 -18.46
C LYS C 37 9.65 7.95 -19.18
N VAL C 38 8.99 7.61 -20.29
CA VAL C 38 9.42 6.47 -21.10
C VAL C 38 10.82 6.74 -21.68
N ASP C 39 11.50 5.65 -22.01
CA ASP C 39 12.81 5.75 -22.65
C ASP C 39 12.72 5.83 -24.17
N GLY C 40 11.55 5.57 -24.75
CA GLY C 40 11.41 5.67 -26.19
C GLY C 40 9.97 5.49 -26.60
N LEU C 41 9.73 5.76 -27.88
CA LEU C 41 8.40 5.61 -28.48
C LEU C 41 8.48 4.61 -29.63
N TYR C 42 7.53 3.71 -29.67
CA TYR C 42 7.37 2.76 -30.76
C TYR C 42 6.21 3.25 -31.62
N VAL C 43 6.53 3.71 -32.83
CA VAL C 43 5.57 4.40 -33.68
C VAL C 43 5.23 3.51 -34.86
N GLY C 44 3.93 3.33 -35.12
CA GLY C 44 3.48 2.57 -36.27
C GLY C 44 3.18 1.11 -36.01
N GLY C 45 3.20 0.67 -34.75
CA GLY C 45 2.96 -0.72 -34.41
C GLY C 45 1.51 -1.14 -34.60
N SER C 46 1.31 -2.46 -34.55
CA SER C 46 -0.02 -3.06 -34.64
C SER C 46 -1.00 -2.55 -33.60
N THR C 47 -0.50 -1.92 -32.54
CA THR C 47 -1.28 -1.32 -31.47
C THR C 47 -2.57 -0.62 -31.91
N GLY C 48 -3.63 -0.81 -31.12
CA GLY C 48 -4.89 -0.12 -31.32
C GLY C 48 -5.51 -0.43 -32.68
N GLU C 49 -5.58 0.59 -33.52
CA GLU C 49 -6.13 0.47 -34.88
C GLU C 49 -5.22 1.23 -35.84
N ASN C 50 -3.91 1.08 -35.67
CA ASN C 50 -2.95 1.85 -36.45
C ASN C 50 -2.73 1.27 -37.85
N PHE C 51 -2.95 -0.03 -38.05
CA PHE C 51 -2.64 -0.61 -39.35
C PHE C 51 -3.67 -0.27 -40.43
N MET C 52 -4.75 0.43 -40.08
CA MET C 52 -5.78 0.74 -41.05
C MET C 52 -5.50 2.07 -41.78
N ILE C 53 -4.58 2.93 -41.29
CA ILE C 53 -4.41 4.26 -41.87
C ILE C 53 -3.60 4.17 -43.16
N SER C 54 -3.89 5.09 -44.07
CA SER C 54 -3.20 5.20 -45.35
C SER C 54 -1.69 5.35 -45.17
N THR C 55 -0.94 5.11 -46.26
CA THR C 55 0.48 5.42 -46.29
C THR C 55 0.77 6.88 -45.94
N GLU C 56 -0.07 7.80 -46.45
CA GLU C 56 0.22 9.22 -46.28
C GLU C 56 -0.06 9.67 -44.83
N GLU C 57 -1.14 9.18 -44.24
CA GLU C 57 -1.39 9.45 -42.81
C GLU C 57 -0.36 8.75 -41.95
N LYS C 58 0.21 7.64 -42.44
CA LYS C 58 1.32 7.04 -41.72
C LYS C 58 2.54 7.96 -41.77
N LYS C 59 2.72 8.66 -42.89
CA LYS C 59 3.82 9.60 -43.00
C LYS C 59 3.61 10.80 -42.10
N ARG C 60 2.36 11.25 -41.96
CA ARG C 60 2.07 12.39 -41.11
C ARG C 60 2.26 12.05 -39.64
N VAL C 61 1.92 10.81 -39.25
CA VAL C 61 2.14 10.39 -37.85
C VAL C 61 3.63 10.33 -37.56
N PHE C 62 4.42 9.77 -38.48
CA PHE C 62 5.87 9.69 -38.27
C PHE C 62 6.49 11.08 -38.19
N GLU C 63 5.99 12.02 -38.98
CA GLU C 63 6.55 13.36 -39.00
C GLU C 63 6.14 14.15 -37.75
N ILE C 64 4.87 14.04 -37.36
CA ILE C 64 4.41 14.70 -36.14
C ILE C 64 5.15 14.17 -34.92
N ALA C 65 5.39 12.85 -34.89
CA ALA C 65 6.01 12.26 -33.71
C ALA C 65 7.47 12.69 -33.56
N ILE C 66 8.23 12.70 -34.65
CA ILE C 66 9.66 13.02 -34.50
C ILE C 66 9.87 14.50 -34.22
N ASP C 67 9.00 15.38 -34.70
CA ASP C 67 9.23 16.79 -34.42
C ASP C 67 8.66 17.22 -33.07
N GLU C 68 7.70 16.46 -32.54
CA GLU C 68 7.20 16.75 -31.21
C GLU C 68 8.13 16.15 -30.16
N ALA C 69 8.70 14.98 -30.46
CA ALA C 69 9.67 14.36 -29.56
C ALA C 69 11.10 14.88 -29.74
N LYS C 70 11.44 15.46 -30.92
CA LYS C 70 12.79 15.88 -31.29
C LYS C 70 13.81 14.76 -31.06
N ASP C 71 14.80 15.00 -30.22
CA ASP C 71 15.59 13.96 -29.55
C ASP C 71 15.46 14.04 -28.06
N SER C 72 14.22 14.02 -27.56
CA SER C 72 14.19 13.77 -26.13
C SER C 72 14.32 12.27 -25.82
N VAL C 73 13.90 11.40 -26.74
CA VAL C 73 13.84 9.95 -26.52
C VAL C 73 14.21 9.19 -27.78
N ASN C 74 14.48 7.89 -27.61
CA ASN C 74 14.66 7.01 -28.76
C ASN C 74 13.35 6.84 -29.52
N LEU C 75 13.46 6.65 -30.84
CA LEU C 75 12.29 6.42 -31.69
C LEU C 75 12.54 5.22 -32.58
N ILE C 76 11.57 4.31 -32.66
CA ILE C 76 11.60 3.20 -33.59
C ILE C 76 10.34 3.29 -34.44
N ALA C 77 10.52 3.14 -35.76
CA ALA C 77 9.44 3.28 -36.73
C ALA C 77 9.11 1.91 -37.34
N GLN C 78 7.88 1.46 -37.14
CA GLN C 78 7.41 0.22 -37.76
C GLN C 78 6.84 0.55 -39.13
N VAL C 79 7.48 0.03 -40.19
CA VAL C 79 7.16 0.41 -41.55
C VAL C 79 6.61 -0.74 -42.39
N GLY C 80 6.46 -1.94 -41.83
CA GLY C 80 6.00 -3.08 -42.59
C GLY C 80 4.49 -3.18 -42.64
N SER C 81 4.03 -4.39 -42.96
CA SER C 81 2.65 -4.90 -42.94
C SER C 81 2.06 -5.08 -44.33
N ILE C 82 2.08 -4.04 -45.16
CA ILE C 82 1.28 -4.01 -46.39
C ILE C 82 1.95 -4.80 -47.49
N ASN C 83 3.08 -4.30 -48.01
CA ASN C 83 3.90 -5.04 -48.96
C ASN C 83 5.30 -4.44 -48.92
N LEU C 84 6.18 -4.94 -49.80
CA LEU C 84 7.58 -4.55 -49.74
C LEU C 84 7.81 -3.17 -50.33
N ASN C 85 6.94 -2.72 -51.24
CA ASN C 85 7.13 -1.38 -51.80
C ASN C 85 6.67 -0.29 -50.83
N GLU C 86 5.64 -0.57 -50.02
CA GLU C 86 5.27 0.38 -48.98
C GLU C 86 6.31 0.42 -47.87
N ALA C 87 6.86 -0.74 -47.51
CA ALA C 87 7.87 -0.78 -46.46
C ALA C 87 9.12 0.00 -46.85
N VAL C 88 9.53 -0.09 -48.12
CA VAL C 88 10.74 0.61 -48.55
C VAL C 88 10.48 2.10 -48.67
N GLU C 89 9.30 2.49 -49.17
CA GLU C 89 8.97 3.92 -49.26
C GLU C 89 8.87 4.54 -47.88
N LEU C 90 8.18 3.87 -46.96
CA LEU C 90 8.13 4.35 -45.59
C LEU C 90 9.52 4.35 -44.96
N GLY C 91 10.34 3.34 -45.27
CA GLY C 91 11.65 3.23 -44.62
C GLY C 91 12.60 4.37 -44.98
N LYS C 92 12.62 4.79 -46.25
CA LYS C 92 13.47 5.92 -46.61
C LYS C 92 12.81 7.25 -46.30
N TYR C 93 11.48 7.30 -46.13
CA TYR C 93 10.86 8.54 -45.67
C TYR C 93 11.25 8.84 -44.23
N VAL C 94 11.09 7.88 -43.32
CA VAL C 94 11.39 8.13 -41.91
C VAL C 94 12.89 8.18 -41.65
N THR C 95 13.68 7.52 -42.49
CA THR C 95 15.12 7.64 -42.37
C THR C 95 15.55 9.06 -42.73
N LYS C 96 14.87 9.66 -43.69
CA LYS C 96 15.29 10.98 -44.12
C LYS C 96 14.91 12.03 -43.07
N LEU C 97 13.89 11.74 -42.26
CA LEU C 97 13.41 12.62 -41.18
C LEU C 97 14.18 12.48 -39.86
N GLY C 98 15.02 11.45 -39.71
CA GLY C 98 15.83 11.31 -38.51
C GLY C 98 15.56 10.07 -37.68
N TYR C 99 14.67 9.17 -38.08
CA TYR C 99 14.46 7.93 -37.33
C TYR C 99 15.70 7.04 -37.45
N LYS C 100 16.31 6.73 -36.30
CA LYS C 100 17.57 6.01 -36.26
C LYS C 100 17.40 4.49 -36.20
N CYS C 101 16.17 3.99 -36.11
CA CYS C 101 15.95 2.56 -36.11
C CYS C 101 14.57 2.26 -36.64
N LEU C 102 14.46 1.17 -37.40
CA LEU C 102 13.21 0.73 -38.00
C LEU C 102 12.84 -0.66 -37.52
N SER C 103 11.56 -0.99 -37.69
CA SER C 103 11.09 -2.36 -37.52
C SER C 103 10.06 -2.64 -38.61
N ALA C 104 9.81 -3.92 -38.86
CA ALA C 104 8.89 -4.30 -39.92
C ALA C 104 8.33 -5.68 -39.64
N VAL C 105 7.02 -5.78 -39.56
CA VAL C 105 6.38 -7.07 -39.62
C VAL C 105 6.33 -7.49 -41.08
N THR C 106 6.33 -8.80 -41.32
CA THR C 106 6.25 -9.32 -42.67
C THR C 106 4.89 -8.94 -43.28
N PRO C 107 4.78 -8.98 -44.61
CA PRO C 107 3.50 -8.62 -45.24
C PRO C 107 2.39 -9.58 -44.85
N PHE C 108 1.16 -9.09 -44.94
CA PHE C 108 -0.01 -9.86 -44.55
C PHE C 108 -0.63 -10.66 -45.71
N TYR C 109 -0.31 -10.32 -46.97
CA TYR C 109 -1.02 -10.85 -48.12
C TYR C 109 -0.54 -12.21 -48.59
N TYR C 110 0.48 -12.79 -47.96
CA TYR C 110 1.06 -14.03 -48.45
C TYR C 110 1.85 -14.70 -47.34
N LYS C 111 1.76 -16.03 -47.25
CA LYS C 111 2.60 -16.80 -46.34
C LYS C 111 3.95 -17.05 -47.00
N PHE C 112 4.96 -16.30 -46.59
CA PHE C 112 6.29 -16.42 -47.17
C PHE C 112 7.08 -17.49 -46.44
N ASP C 113 7.83 -18.30 -47.20
CA ASP C 113 8.79 -19.16 -46.56
C ASP C 113 9.92 -18.32 -45.98
N PHE C 114 10.82 -18.96 -45.24
CA PHE C 114 11.84 -18.19 -44.53
C PHE C 114 12.78 -17.48 -45.49
N SER C 115 13.15 -18.13 -46.60
CA SER C 115 14.07 -17.50 -47.54
C SER C 115 13.47 -16.25 -48.18
N GLU C 116 12.14 -16.12 -48.18
CA GLU C 116 11.51 -14.89 -48.63
C GLU C 116 11.33 -13.89 -47.49
N ILE C 117 11.25 -14.37 -46.25
CA ILE C 117 11.33 -13.46 -45.11
C ILE C 117 12.70 -12.79 -45.08
N LYS C 118 13.76 -13.58 -45.32
CA LYS C 118 15.11 -13.05 -45.27
C LYS C 118 15.36 -12.05 -46.39
N ASP C 119 14.90 -12.37 -47.60
CA ASP C 119 15.00 -11.39 -48.68
C ASP C 119 14.22 -10.13 -48.36
N TYR C 120 13.04 -10.29 -47.77
CA TYR C 120 12.22 -9.14 -47.39
C TYR C 120 12.98 -8.23 -46.43
N TYR C 121 13.48 -8.79 -45.32
CA TYR C 121 14.18 -7.96 -44.34
C TYR C 121 15.47 -7.38 -44.91
N GLU C 122 16.23 -8.19 -45.65
CA GLU C 122 17.50 -7.72 -46.18
C GLU C 122 17.30 -6.60 -47.20
N THR C 123 16.16 -6.60 -47.89
CA THR C 123 15.90 -5.56 -48.89
C THR C 123 15.58 -4.23 -48.22
N ILE C 124 14.82 -4.25 -47.13
CA ILE C 124 14.50 -3.01 -46.43
C ILE C 124 15.77 -2.41 -45.85
N VAL C 125 16.68 -3.25 -45.38
CA VAL C 125 17.93 -2.78 -44.80
C VAL C 125 18.87 -2.26 -45.89
N ARG C 126 18.87 -2.91 -47.05
CA ARG C 126 19.79 -2.53 -48.12
C ARG C 126 19.36 -1.21 -48.77
N GLU C 127 18.05 -0.99 -48.92
CA GLU C 127 17.57 0.18 -49.65
C GLU C 127 17.38 1.41 -48.77
N THR C 128 17.32 1.26 -47.44
CA THR C 128 17.22 2.42 -46.56
C THR C 128 18.53 2.74 -45.85
N GLY C 129 19.39 1.75 -45.61
CA GLY C 129 20.60 1.98 -44.85
C GLY C 129 20.38 2.14 -43.36
N ASN C 130 19.18 1.92 -42.86
CA ASN C 130 18.88 2.08 -41.45
C ASN C 130 19.02 0.76 -40.71
N TYR C 131 18.99 0.84 -39.37
CA TYR C 131 18.98 -0.34 -38.53
C TYR C 131 17.57 -0.94 -38.51
N MET C 132 17.49 -2.22 -38.13
CA MET C 132 16.26 -2.96 -38.24
C MET C 132 16.05 -3.84 -37.02
N ILE C 133 14.82 -3.85 -36.51
CA ILE C 133 14.35 -4.79 -35.50
C ILE C 133 13.36 -5.74 -36.16
N ILE C 134 13.60 -7.04 -36.01
CA ILE C 134 12.73 -8.04 -36.59
C ILE C 134 11.73 -8.51 -35.55
N TYR C 135 10.71 -9.23 -36.00
CA TYR C 135 9.70 -9.83 -35.13
C TYR C 135 9.96 -11.33 -35.05
N SER C 136 9.85 -11.89 -33.84
CA SER C 136 10.11 -13.32 -33.68
C SER C 136 9.07 -14.19 -34.37
N ILE C 137 7.86 -13.67 -34.60
CA ILE C 137 6.81 -14.40 -35.26
C ILE C 137 6.44 -13.67 -36.55
N PRO C 138 6.55 -14.30 -37.72
CA PRO C 138 6.06 -13.65 -38.95
C PRO C 138 4.60 -13.29 -38.84
N PHE C 139 4.28 -12.10 -39.35
CA PHE C 139 2.93 -11.54 -39.28
C PHE C 139 1.84 -12.56 -39.61
N LEU C 140 0.96 -12.80 -38.62
CA LEU C 140 -0.23 -13.64 -38.79
C LEU C 140 0.10 -15.08 -39.18
N THR C 141 1.07 -15.68 -38.48
CA THR C 141 1.32 -17.11 -38.61
C THR C 141 1.35 -17.82 -37.25
N GLY C 142 1.69 -17.10 -36.19
CA GLY C 142 1.65 -17.64 -34.85
C GLY C 142 2.85 -18.45 -34.41
N VAL C 143 3.62 -19.01 -35.33
CA VAL C 143 4.76 -19.85 -34.99
C VAL C 143 6.02 -18.98 -34.91
N ASN C 144 6.75 -19.13 -33.81
CA ASN C 144 8.04 -18.46 -33.67
C ASN C 144 9.04 -19.00 -34.70
N MET C 145 9.99 -18.15 -35.09
CA MET C 145 11.08 -18.60 -35.93
C MET C 145 12.01 -19.53 -35.15
N SER C 146 12.69 -20.42 -35.89
CA SER C 146 13.67 -21.31 -35.30
C SER C 146 14.94 -20.53 -34.92
N LEU C 147 15.69 -21.11 -33.97
CA LEU C 147 16.96 -20.50 -33.59
C LEU C 147 17.96 -20.50 -34.74
N SER C 148 17.87 -21.50 -35.63
CA SER C 148 18.68 -21.48 -36.83
C SER C 148 18.28 -20.35 -37.76
N GLN C 149 16.98 -20.03 -37.82
CA GLN C 149 16.54 -18.95 -38.68
C GLN C 149 16.97 -17.59 -38.13
N PHE C 150 16.97 -17.45 -36.79
CA PHE C 150 17.49 -16.22 -36.19
C PHE C 150 18.95 -15.99 -36.57
N GLY C 151 19.73 -17.07 -36.60
CA GLY C 151 21.14 -16.92 -36.95
C GLY C 151 21.35 -16.42 -38.36
N GLU C 152 20.56 -16.91 -39.31
CA GLU C 152 20.70 -16.45 -40.68
C GLU C 152 20.33 -14.98 -40.81
N LEU C 153 19.31 -14.53 -40.06
CA LEU C 153 18.94 -13.12 -40.10
C LEU C 153 19.97 -12.25 -39.40
N PHE C 154 20.43 -12.69 -38.23
CA PHE C 154 21.39 -11.90 -37.47
C PHE C 154 22.78 -11.88 -38.09
N GLU C 155 23.01 -12.61 -39.18
CA GLU C 155 24.28 -12.47 -39.89
C GLU C 155 24.43 -11.08 -40.49
N ASN C 156 23.31 -10.43 -40.79
CA ASN C 156 23.33 -9.04 -41.23
C ASN C 156 23.55 -8.13 -40.03
N GLU C 157 24.54 -7.24 -40.14
CA GLU C 157 24.93 -6.38 -39.03
C GLU C 157 23.98 -5.20 -38.85
N LYS C 158 23.18 -4.86 -39.86
CA LYS C 158 22.17 -3.80 -39.69
C LYS C 158 20.85 -4.33 -39.15
N ILE C 159 20.74 -5.63 -38.92
CA ILE C 159 19.64 -6.21 -38.16
C ILE C 159 20.11 -6.36 -36.71
N ILE C 160 19.75 -5.40 -35.86
CA ILE C 160 20.35 -5.28 -34.53
C ILE C 160 19.53 -5.92 -33.42
N GLY C 161 18.32 -6.41 -33.70
CA GLY C 161 17.52 -6.92 -32.60
C GLY C 161 16.23 -7.58 -33.08
N VAL C 162 15.46 -8.03 -32.09
CA VAL C 162 14.24 -8.78 -32.33
C VAL C 162 13.24 -8.42 -31.23
N LYS C 163 11.98 -8.25 -31.62
CA LYS C 163 10.88 -8.02 -30.68
C LYS C 163 10.11 -9.32 -30.49
N PHE C 164 10.12 -9.85 -29.26
CA PHE C 164 9.38 -11.05 -28.92
C PHE C 164 7.94 -10.70 -28.57
N THR C 165 6.98 -11.29 -29.29
CA THR C 165 5.57 -11.06 -29.02
C THR C 165 4.89 -12.19 -28.27
N ALA C 166 5.30 -13.44 -28.49
CA ALA C 166 4.81 -14.57 -27.72
C ALA C 166 5.73 -14.84 -26.54
N GLY C 167 5.14 -15.25 -25.42
CA GLY C 167 5.89 -15.50 -24.21
C GLY C 167 6.51 -16.88 -24.08
N ASP C 168 7.36 -17.26 -25.03
CA ASP C 168 8.12 -18.50 -24.96
C ASP C 168 9.47 -18.18 -24.32
N PHE C 169 9.59 -18.43 -23.02
CA PHE C 169 10.81 -18.04 -22.31
C PHE C 169 11.97 -18.99 -22.56
N TYR C 170 11.69 -20.23 -22.98
CA TYR C 170 12.77 -21.11 -23.38
C TYR C 170 13.46 -20.57 -24.63
N LEU C 171 12.68 -20.20 -25.65
CA LEU C 171 13.27 -19.64 -26.85
C LEU C 171 13.95 -18.31 -26.57
N LEU C 172 13.33 -17.48 -25.73
CA LEU C 172 13.95 -16.21 -25.38
C LEU C 172 15.33 -16.41 -24.77
N GLU C 173 15.45 -17.37 -23.85
CA GLU C 173 16.74 -17.65 -23.22
C GLU C 173 17.74 -18.15 -24.25
N ARG C 174 17.30 -18.98 -25.20
CA ARG C 174 18.21 -19.50 -26.21
C ARG C 174 18.72 -18.41 -27.13
N VAL C 175 17.83 -17.54 -27.60
CA VAL C 175 18.24 -16.41 -28.43
C VAL C 175 19.16 -15.49 -27.65
N ARG C 176 18.88 -15.32 -26.35
CA ARG C 176 19.68 -14.41 -25.54
C ARG C 176 21.13 -14.89 -25.44
N LYS C 177 21.32 -16.21 -25.27
CA LYS C 177 22.67 -16.74 -25.14
C LYS C 177 23.38 -16.85 -26.48
N ALA C 178 22.66 -17.23 -27.53
CA ALA C 178 23.29 -17.38 -28.85
C ALA C 178 23.74 -16.04 -29.42
N PHE C 179 23.09 -14.95 -29.05
CA PHE C 179 23.39 -13.62 -29.62
C PHE C 179 23.46 -12.60 -28.49
N PRO C 180 24.54 -12.61 -27.71
CA PRO C 180 24.65 -11.64 -26.61
C PRO C 180 24.82 -10.19 -27.06
N ASP C 181 25.17 -9.96 -28.33
CA ASP C 181 25.40 -8.61 -28.84
C ASP C 181 24.18 -8.00 -29.52
N LYS C 182 23.05 -8.70 -29.54
CA LYS C 182 21.85 -8.20 -30.20
C LYS C 182 20.83 -7.74 -29.16
N LEU C 183 19.97 -6.82 -29.57
CA LEU C 183 18.93 -6.33 -28.69
C LEU C 183 17.74 -7.28 -28.67
N ILE C 184 17.14 -7.46 -27.52
CA ILE C 184 15.93 -8.25 -27.40
C ILE C 184 14.90 -7.45 -26.62
N PHE C 185 13.73 -7.25 -27.21
CA PHE C 185 12.66 -6.49 -26.61
C PHE C 185 11.51 -7.42 -26.27
N ALA C 186 11.02 -7.33 -25.04
CA ALA C 186 9.81 -8.02 -24.64
C ALA C 186 8.60 -7.23 -25.12
N GLY C 187 7.62 -7.95 -25.68
CA GLY C 187 6.37 -7.33 -26.08
C GLY C 187 5.18 -7.86 -25.29
N PHE C 188 5.36 -8.07 -23.99
CA PHE C 188 4.30 -8.58 -23.12
C PHE C 188 4.43 -7.92 -21.76
N ASP C 189 3.47 -7.05 -21.43
CA ASP C 189 3.57 -6.23 -20.23
C ASP C 189 3.29 -7.02 -18.96
N GLU C 190 2.48 -8.08 -19.04
CA GLU C 190 2.12 -8.89 -17.87
C GLU C 190 3.26 -9.78 -17.38
N MET C 191 4.32 -9.95 -18.17
CA MET C 191 5.44 -10.82 -17.84
C MET C 191 6.75 -10.06 -17.95
N LEU C 192 6.76 -8.79 -17.53
CA LEU C 192 7.98 -8.00 -17.64
C LEU C 192 9.06 -8.51 -16.71
N LEU C 193 8.71 -8.79 -15.46
CA LEU C 193 9.71 -9.28 -14.51
C LEU C 193 10.38 -10.57 -14.98
N PRO C 194 9.65 -11.62 -15.42
CA PRO C 194 10.35 -12.81 -15.92
C PRO C 194 11.25 -12.52 -17.11
N ALA C 195 10.81 -11.64 -18.03
CA ALA C 195 11.63 -11.33 -19.18
C ALA C 195 12.91 -10.59 -18.77
N THR C 196 12.82 -9.73 -17.75
CA THR C 196 13.96 -8.91 -17.38
C THR C 196 15.08 -9.75 -16.79
N VAL C 197 14.74 -10.78 -16.00
CA VAL C 197 15.77 -11.61 -15.38
C VAL C 197 16.42 -12.54 -16.38
N LEU C 198 15.84 -12.69 -17.57
CA LEU C 198 16.51 -13.41 -18.64
C LEU C 198 17.32 -12.48 -19.55
N GLY C 199 17.42 -11.20 -19.20
CA GLY C 199 18.35 -10.32 -19.87
C GLY C 199 17.83 -9.59 -21.09
N VAL C 200 16.53 -9.30 -21.17
CA VAL C 200 16.04 -8.48 -22.27
C VAL C 200 16.53 -7.05 -22.10
N ASP C 201 16.73 -6.37 -23.23
CA ASP C 201 17.27 -5.03 -23.24
C ASP C 201 16.18 -3.96 -23.13
N GLY C 202 14.92 -4.33 -23.28
CA GLY C 202 13.84 -3.37 -23.18
C GLY C 202 12.51 -4.04 -23.36
N ALA C 203 11.46 -3.24 -23.26
CA ALA C 203 10.11 -3.73 -23.43
C ALA C 203 9.32 -2.72 -24.24
N ILE C 204 8.49 -3.23 -25.15
CA ILE C 204 7.61 -2.41 -25.96
C ILE C 204 6.19 -2.84 -25.67
N GLY C 205 5.37 -1.90 -25.19
CA GLY C 205 4.04 -2.22 -24.75
C GLY C 205 3.12 -1.02 -24.86
N SER C 206 1.82 -1.31 -24.83
CA SER C 206 0.83 -0.25 -24.93
C SER C 206 0.27 0.15 -23.57
N THR C 207 0.40 -0.72 -22.55
CA THR C 207 0.04 -0.28 -21.21
C THR C 207 1.00 0.78 -20.67
N TYR C 208 2.20 0.89 -21.25
CA TYR C 208 3.16 1.89 -20.76
C TYR C 208 2.75 3.30 -21.09
N ASN C 209 1.69 3.49 -21.89
CA ASN C 209 1.10 4.82 -22.04
C ASN C 209 0.53 5.33 -20.72
N ILE C 210 0.12 4.42 -19.84
CA ILE C 210 -0.48 4.82 -18.56
C ILE C 210 0.21 4.20 -17.35
N ASN C 211 0.98 3.13 -17.50
CA ASN C 211 1.62 2.45 -16.38
C ASN C 211 3.14 2.43 -16.55
N GLY C 212 3.67 3.41 -17.29
CA GLY C 212 5.09 3.43 -17.57
C GLY C 212 5.95 3.58 -16.33
N ILE C 213 5.43 4.22 -15.29
CA ILE C 213 6.18 4.43 -14.06
C ILE C 213 6.49 3.09 -13.39
N ARG C 214 5.45 2.27 -13.19
CA ARG C 214 5.66 0.96 -12.58
C ARG C 214 6.56 0.08 -13.43
N ALA C 215 6.44 0.18 -14.75
CA ALA C 215 7.27 -0.64 -15.63
C ALA C 215 8.73 -0.27 -15.52
N LYS C 216 9.02 1.03 -15.47
CA LYS C 216 10.42 1.45 -15.30
C LYS C 216 10.99 0.95 -13.99
N GLN C 217 10.17 0.91 -12.93
CA GLN C 217 10.64 0.43 -11.64
C GLN C 217 10.91 -1.07 -11.68
N ILE C 218 10.01 -1.84 -12.28
CA ILE C 218 10.21 -3.28 -12.42
C ILE C 218 11.48 -3.56 -13.21
N PHE C 219 11.70 -2.83 -14.30
CA PHE C 219 12.85 -3.06 -15.14
C PHE C 219 14.16 -2.80 -14.39
N GLU C 220 14.22 -1.71 -13.62
CA GLU C 220 15.48 -1.35 -12.97
C GLU C 220 15.69 -2.13 -11.67
N LEU C 221 14.62 -2.40 -10.92
CA LEU C 221 14.76 -3.18 -9.70
C LEU C 221 15.20 -4.61 -10.00
N ALA C 222 14.76 -5.18 -11.12
CA ALA C 222 15.14 -6.53 -11.45
C ALA C 222 16.58 -6.61 -11.94
N LYS C 223 17.04 -5.59 -12.67
CA LYS C 223 18.42 -5.57 -13.13
C LYS C 223 19.42 -5.25 -12.01
N ASN C 224 18.93 -4.90 -10.82
CA ASN C 224 19.78 -4.66 -9.66
C ASN C 224 19.57 -5.70 -8.57
N SER C 225 19.10 -6.90 -8.97
CA SER C 225 18.74 -7.97 -8.06
C SER C 225 18.02 -7.46 -6.82
N LYS C 226 16.82 -6.88 -7.03
CA LYS C 226 15.90 -6.55 -5.95
C LYS C 226 14.55 -7.17 -6.31
N ILE C 227 14.50 -8.51 -6.25
CA ILE C 227 13.36 -9.25 -6.79
C ILE C 227 12.14 -9.07 -5.89
N ASP C 228 12.36 -8.97 -4.58
CA ASP C 228 11.24 -8.84 -3.65
C ASP C 228 10.38 -7.63 -4.01
N GLU C 229 11.01 -6.48 -4.19
CA GLU C 229 10.28 -5.26 -4.52
C GLU C 229 9.72 -5.31 -5.94
N ALA C 230 10.45 -5.93 -6.87
CA ALA C 230 9.98 -5.97 -8.26
C ALA C 230 8.74 -6.82 -8.41
N LEU C 231 8.68 -7.97 -7.71
CA LEU C 231 7.51 -8.84 -7.85
C LEU C 231 6.27 -8.18 -7.24
N LYS C 232 6.44 -7.37 -6.20
CA LYS C 232 5.27 -6.71 -5.63
C LYS C 232 4.67 -5.70 -6.61
N ILE C 233 5.53 -4.96 -7.33
CA ILE C 233 5.03 -4.02 -8.32
C ILE C 233 4.45 -4.73 -9.53
N GLN C 234 5.05 -5.87 -9.92
CA GLN C 234 4.47 -6.66 -11.00
C GLN C 234 3.10 -7.22 -10.59
N HIS C 235 2.94 -7.58 -9.32
CA HIS C 235 1.64 -8.00 -8.82
C HIS C 235 0.62 -6.88 -8.95
N THR C 236 1.02 -5.65 -8.61
CA THR C 236 0.11 -4.53 -8.74
C THR C 236 -0.13 -4.19 -10.21
N THR C 237 0.92 -4.25 -11.03
CA THR C 237 0.77 -4.00 -12.47
C THR C 237 -0.21 -4.99 -13.09
N ASN C 238 -0.14 -6.25 -12.71
CA ASN C 238 -1.02 -7.24 -13.31
C ASN C 238 -2.44 -7.16 -12.76
N ASP C 239 -2.65 -6.54 -11.61
CA ASP C 239 -4.02 -6.24 -11.18
C ASP C 239 -4.65 -5.18 -12.06
N LEU C 240 -3.86 -4.18 -12.48
CA LEU C 240 -4.33 -3.19 -13.43
C LEU C 240 -4.61 -3.82 -14.79
N ILE C 241 -3.68 -4.64 -15.29
CA ILE C 241 -3.82 -5.24 -16.61
C ILE C 241 -5.00 -6.21 -16.66
N GLU C 242 -5.20 -6.98 -15.58
CA GLU C 242 -6.34 -7.88 -15.53
C GLU C 242 -7.65 -7.11 -15.66
N GLY C 243 -7.74 -5.96 -14.98
CA GLY C 243 -8.93 -5.13 -15.11
C GLY C 243 -9.05 -4.50 -16.48
N ILE C 244 -7.93 -3.98 -17.00
CA ILE C 244 -7.92 -3.39 -18.34
C ILE C 244 -8.38 -4.41 -19.39
N LEU C 245 -7.93 -5.66 -19.26
CA LEU C 245 -8.31 -6.66 -20.26
C LEU C 245 -9.77 -7.03 -20.16
N SER C 246 -10.26 -7.27 -18.93
CA SER C 246 -11.68 -7.52 -18.68
C SER C 246 -12.57 -6.44 -19.27
N ASN C 247 -12.10 -5.20 -19.27
CA ASN C 247 -12.91 -4.05 -19.65
C ASN C 247 -12.73 -3.65 -21.10
N GLY C 248 -11.85 -4.32 -21.85
CA GLY C 248 -11.52 -3.91 -23.19
C GLY C 248 -10.26 -3.07 -23.22
N LEU C 249 -9.15 -3.67 -23.65
CA LEU C 249 -7.84 -3.07 -23.38
C LEU C 249 -7.65 -1.76 -24.15
N TYR C 250 -7.92 -1.78 -25.45
CA TYR C 250 -7.69 -0.59 -26.28
C TYR C 250 -8.54 0.59 -25.80
N GLN C 251 -9.82 0.34 -25.51
CA GLN C 251 -10.69 1.43 -25.11
C GLN C 251 -10.46 1.87 -23.66
N THR C 252 -10.04 0.95 -22.78
CA THR C 252 -9.79 1.33 -21.40
C THR C 252 -8.54 2.21 -21.30
N ILE C 253 -7.51 1.89 -22.08
CA ILE C 253 -6.31 2.73 -22.07
C ILE C 253 -6.64 4.13 -22.56
N LYS C 254 -7.44 4.24 -23.63
CA LYS C 254 -7.84 5.56 -24.11
C LYS C 254 -8.68 6.27 -23.06
N GLU C 255 -9.58 5.53 -22.40
CA GLU C 255 -10.44 6.16 -21.40
C GLU C 255 -9.66 6.59 -20.17
N ILE C 256 -8.61 5.86 -19.80
CA ILE C 256 -7.79 6.28 -18.68
C ILE C 256 -6.95 7.50 -19.06
N LEU C 257 -6.51 7.56 -20.32
CA LEU C 257 -5.75 8.71 -20.77
C LEU C 257 -6.58 9.99 -20.75
N LYS C 258 -7.89 9.87 -20.95
CA LYS C 258 -8.74 11.04 -20.84
C LYS C 258 -8.99 11.44 -19.40
N LEU C 259 -8.93 10.49 -18.46
CA LEU C 259 -8.97 10.84 -17.05
C LEU C 259 -7.70 11.55 -16.60
N GLU C 260 -6.65 11.52 -17.40
CA GLU C 260 -5.40 12.20 -17.09
C GLU C 260 -5.23 13.47 -17.92
N GLY C 261 -6.28 13.92 -18.60
CA GLY C 261 -6.26 15.19 -19.29
C GLY C 261 -5.70 15.15 -20.70
N VAL C 262 -5.71 14.00 -21.36
CA VAL C 262 -5.20 13.88 -22.71
C VAL C 262 -6.36 13.52 -23.64
N ASP C 263 -6.52 14.30 -24.71
CA ASP C 263 -7.56 14.06 -25.70
C ASP C 263 -7.18 12.86 -26.55
N ALA C 264 -7.66 11.69 -26.17
CA ALA C 264 -7.32 10.45 -26.86
C ALA C 264 -8.19 10.18 -28.07
N GLY C 265 -9.11 11.09 -28.43
CA GLY C 265 -9.84 10.98 -29.68
C GLY C 265 -10.95 9.94 -29.65
N TYR C 266 -11.46 9.65 -30.85
CA TYR C 266 -12.59 8.78 -31.06
C TYR C 266 -12.15 7.47 -31.72
N CYS C 267 -13.06 6.49 -31.69
CA CYS C 267 -12.87 5.22 -32.38
C CYS C 267 -13.50 5.29 -33.77
N ARG C 268 -12.96 4.48 -34.68
CA ARG C 268 -13.46 4.44 -36.05
C ARG C 268 -14.36 3.23 -36.24
N LYS C 269 -15.42 3.43 -37.03
CA LYS C 269 -16.34 2.33 -37.33
C LYS C 269 -15.57 1.19 -38.01
N PRO C 270 -15.98 -0.07 -37.77
CA PRO C 270 -17.19 -0.51 -37.08
C PRO C 270 -17.00 -0.77 -35.59
N MET C 271 -15.97 -0.17 -34.99
CA MET C 271 -15.73 -0.39 -33.56
C MET C 271 -16.83 0.25 -32.72
N LYS C 272 -17.28 -0.50 -31.71
CA LYS C 272 -18.36 -0.03 -30.84
C LYS C 272 -17.82 0.96 -29.82
N LYS C 273 -18.61 1.99 -29.54
CA LYS C 273 -18.23 2.96 -28.53
C LYS C 273 -18.31 2.36 -27.14
N ILE C 274 -17.38 2.78 -26.28
CA ILE C 274 -17.32 2.28 -24.91
C ILE C 274 -18.61 2.62 -24.17
N SER C 275 -19.07 1.68 -23.34
CA SER C 275 -20.31 1.80 -22.59
C SER C 275 -20.14 2.64 -21.33
N GLN C 276 -21.26 2.94 -20.67
CA GLN C 276 -21.20 3.65 -19.40
C GLN C 276 -20.60 2.77 -18.31
N LYS C 277 -20.92 1.48 -18.29
CA LYS C 277 -20.35 0.59 -17.28
C LYS C 277 -18.83 0.51 -17.41
N GLN C 278 -18.32 0.54 -18.64
CA GLN C 278 -16.88 0.46 -18.85
C GLN C 278 -16.19 1.79 -18.61
N ILE C 279 -16.88 2.92 -18.82
CA ILE C 279 -16.31 4.20 -18.45
C ILE C 279 -16.16 4.31 -16.93
N GLU C 280 -17.17 3.89 -16.19
CA GLU C 280 -17.10 3.92 -14.73
C GLU C 280 -16.05 2.96 -14.21
N PHE C 281 -15.91 1.80 -14.86
CA PHE C 281 -14.90 0.84 -14.44
C PHE C 281 -13.49 1.37 -14.69
N ALA C 282 -13.28 2.07 -15.81
CA ALA C 282 -12.00 2.71 -16.05
C ALA C 282 -11.70 3.77 -15.01
N LYS C 283 -12.73 4.48 -14.53
CA LYS C 283 -12.52 5.49 -13.50
C LYS C 283 -12.14 4.85 -12.16
N GLU C 284 -12.76 3.71 -11.83
CA GLU C 284 -12.37 3.00 -10.62
C GLU C 284 -10.96 2.44 -10.73
N LEU C 285 -10.56 1.97 -11.92
CA LEU C 285 -9.20 1.53 -12.12
C LEU C 285 -8.22 2.69 -12.00
N HIS C 286 -8.58 3.84 -12.56
CA HIS C 286 -7.70 5.01 -12.48
C HIS C 286 -7.50 5.44 -11.03
N LYS C 287 -8.59 5.58 -10.29
CA LYS C 287 -8.49 6.01 -8.89
C LYS C 287 -7.73 5.00 -8.05
N LYS C 288 -7.91 3.71 -8.31
CA LYS C 288 -7.26 2.68 -7.48
C LYS C 288 -5.78 2.54 -7.79
N PHE C 289 -5.37 2.71 -9.05
CA PHE C 289 -4.02 2.34 -9.47
C PHE C 289 -3.16 3.49 -9.99
N LEU C 290 -3.73 4.64 -10.36
CA LEU C 290 -2.93 5.61 -11.12
C LEU C 290 -3.06 7.06 -10.69
N LYS C 291 -3.85 7.39 -9.68
CA LYS C 291 -4.04 8.80 -9.33
C LYS C 291 -3.17 9.21 -8.13
N GLY D 1 3.97 -26.60 3.67
CA GLY D 1 5.06 -25.64 3.69
C GLY D 1 6.41 -26.32 3.68
N PHE D 2 6.50 -27.44 4.41
CA PHE D 2 7.69 -28.28 4.43
C PHE D 2 8.00 -28.92 3.08
N MET D 3 7.10 -28.82 2.10
CA MET D 3 7.28 -29.52 0.84
C MET D 3 7.98 -28.67 -0.23
N LYS D 4 8.60 -27.57 0.15
CA LYS D 4 9.32 -26.78 -0.84
C LYS D 4 10.57 -27.52 -1.32
N GLY D 5 11.05 -27.13 -2.50
CA GLY D 5 12.32 -27.61 -3.00
C GLY D 5 12.20 -28.29 -4.35
N ILE D 6 13.32 -28.86 -4.79
CA ILE D 6 13.39 -29.54 -6.07
C ILE D 6 12.96 -31.00 -5.90
N TYR D 7 12.02 -31.45 -6.72
CA TYR D 7 11.58 -32.83 -6.74
C TYR D 7 11.97 -33.44 -8.07
N SER D 8 12.50 -34.65 -8.02
CA SER D 8 12.83 -35.37 -9.24
C SER D 8 11.73 -36.37 -9.54
N ALA D 9 11.37 -36.46 -10.81
CA ALA D 9 10.32 -37.37 -11.26
C ALA D 9 10.95 -38.73 -11.52
N LEU D 10 10.62 -39.71 -10.68
CA LEU D 10 11.17 -41.06 -10.79
C LEU D 10 10.72 -41.73 -12.09
N MET D 11 11.66 -42.29 -12.83
CA MET D 11 11.34 -43.14 -13.97
C MET D 11 11.57 -44.59 -13.57
N VAL D 12 10.61 -45.45 -13.87
CA VAL D 12 10.70 -46.84 -13.43
C VAL D 12 11.60 -47.60 -14.41
N PRO D 13 12.67 -48.24 -13.94
CA PRO D 13 13.49 -49.06 -14.83
C PRO D 13 12.89 -50.45 -15.00
N TYR D 14 13.12 -51.03 -16.17
CA TYR D 14 12.51 -52.30 -16.53
C TYR D 14 13.57 -53.35 -16.78
N ASN D 15 13.22 -54.60 -16.47
CA ASN D 15 14.06 -55.73 -16.80
C ASN D 15 13.95 -56.04 -18.29
N GLU D 16 14.78 -56.98 -18.73
CA GLU D 16 14.76 -57.39 -20.14
C GLU D 16 13.40 -57.90 -20.55
N ASP D 17 12.67 -58.55 -19.64
CA ASP D 17 11.38 -59.17 -19.95
C ASP D 17 10.19 -58.24 -19.71
N GLY D 18 10.42 -57.01 -19.25
CA GLY D 18 9.36 -56.03 -19.06
C GLY D 18 8.93 -55.82 -17.63
N SER D 19 9.22 -56.74 -16.73
CA SER D 19 8.91 -56.54 -15.33
C SER D 19 9.73 -55.38 -14.75
N ILE D 20 9.37 -54.98 -13.53
CA ILE D 20 10.05 -53.86 -12.88
C ILE D 20 11.40 -54.34 -12.37
N ASN D 21 12.43 -53.52 -12.58
CA ASN D 21 13.80 -53.80 -12.13
C ASN D 21 13.95 -53.23 -10.73
N GLU D 22 13.63 -54.03 -9.72
CA GLU D 22 13.58 -53.53 -8.34
C GLU D 22 14.92 -53.02 -7.85
N LYS D 23 16.01 -53.71 -8.21
CA LYS D 23 17.33 -53.26 -7.75
C LYS D 23 17.76 -51.99 -8.49
N GLY D 24 17.41 -51.86 -9.77
CA GLY D 24 17.70 -50.61 -10.48
C GLY D 24 16.91 -49.45 -9.93
N LEU D 25 15.66 -49.71 -9.53
CA LEU D 25 14.84 -48.66 -8.95
C LEU D 25 15.45 -48.14 -7.64
N ARG D 26 15.91 -49.05 -6.79
CA ARG D 26 16.58 -48.61 -5.55
C ARG D 26 17.84 -47.81 -5.86
N GLU D 27 18.54 -48.16 -6.94
CA GLU D 27 19.77 -47.43 -7.26
C GLU D 27 19.49 -46.03 -7.77
N ILE D 28 18.37 -45.82 -8.48
CA ILE D 28 18.03 -44.47 -8.92
C ILE D 28 17.60 -43.61 -7.75
N ILE D 29 16.84 -44.19 -6.82
CA ILE D 29 16.44 -43.43 -5.64
C ILE D 29 17.67 -42.97 -4.86
N ARG D 30 18.63 -43.89 -4.66
CA ARG D 30 19.85 -43.53 -3.94
C ARG D 30 20.64 -42.45 -4.68
N TYR D 31 20.67 -42.54 -6.02
CA TYR D 31 21.40 -41.54 -6.77
C TYR D 31 20.77 -40.16 -6.63
N ASN D 32 19.43 -40.08 -6.65
CA ASN D 32 18.77 -38.80 -6.51
C ASN D 32 18.93 -38.25 -5.10
N ILE D 33 18.85 -39.11 -4.09
CA ILE D 33 18.94 -38.63 -2.71
C ILE D 33 20.39 -38.28 -2.37
N ASP D 34 21.36 -39.11 -2.75
CA ASP D 34 22.75 -38.92 -2.34
C ASP D 34 23.52 -37.98 -3.26
N LYS D 35 23.47 -38.20 -4.58
CA LYS D 35 24.29 -37.42 -5.50
C LYS D 35 23.60 -36.15 -5.97
N MET D 36 22.34 -36.25 -6.38
CA MET D 36 21.61 -35.07 -6.82
C MET D 36 21.15 -34.20 -5.66
N LYS D 37 21.08 -34.77 -4.46
CA LYS D 37 20.66 -34.05 -3.25
C LYS D 37 19.32 -33.35 -3.48
N VAL D 38 18.40 -34.05 -4.15
CA VAL D 38 17.06 -33.51 -4.36
C VAL D 38 16.34 -33.37 -3.02
N ASP D 39 15.35 -32.49 -3.00
CA ASP D 39 14.54 -32.28 -1.81
C ASP D 39 13.31 -33.19 -1.76
N GLY D 40 13.00 -33.91 -2.85
CA GLY D 40 11.87 -34.82 -2.84
C GLY D 40 11.82 -35.63 -4.10
N LEU D 41 10.96 -36.65 -4.07
CA LEU D 41 10.75 -37.54 -5.21
C LEU D 41 9.29 -37.53 -5.60
N TYR D 42 9.05 -37.42 -6.89
CA TYR D 42 7.72 -37.49 -7.47
C TYR D 42 7.59 -38.87 -8.10
N VAL D 43 6.71 -39.70 -7.53
CA VAL D 43 6.59 -41.11 -7.88
C VAL D 43 5.27 -41.32 -8.59
N GLY D 44 5.30 -41.98 -9.74
CA GLY D 44 4.10 -42.33 -10.48
C GLY D 44 3.69 -41.35 -11.55
N GLY D 45 4.51 -40.35 -11.85
CA GLY D 45 4.16 -39.33 -12.83
C GLY D 45 4.13 -39.83 -14.26
N SER D 46 3.54 -39.00 -15.13
CA SER D 46 3.47 -39.28 -16.57
C SER D 46 4.84 -39.49 -17.20
N THR D 47 5.91 -39.04 -16.52
CA THR D 47 7.29 -39.22 -16.93
C THR D 47 7.62 -40.58 -17.54
N GLY D 48 8.43 -40.53 -18.60
CA GLY D 48 8.96 -41.71 -19.24
C GLY D 48 7.88 -42.59 -19.84
N GLU D 49 7.74 -43.77 -19.24
CA GLU D 49 6.75 -44.74 -19.64
C GLU D 49 6.10 -45.36 -18.42
N ASN D 50 5.78 -44.52 -17.42
CA ASN D 50 5.26 -45.04 -16.16
C ASN D 50 3.77 -45.34 -16.24
N PHE D 51 3.03 -44.67 -17.11
CA PHE D 51 1.59 -44.86 -17.15
C PHE D 51 1.19 -46.17 -17.81
N MET D 52 2.15 -46.95 -18.31
CA MET D 52 1.83 -48.21 -18.95
C MET D 52 1.72 -49.38 -17.97
N ILE D 53 2.24 -49.25 -16.75
CA ILE D 53 2.31 -50.39 -15.84
C ILE D 53 0.97 -50.61 -15.16
N SER D 54 0.72 -51.87 -14.81
CA SER D 54 -0.45 -52.29 -14.06
C SER D 54 -0.57 -51.52 -12.75
N THR D 55 -1.77 -51.56 -12.18
CA THR D 55 -1.97 -51.11 -10.81
C THR D 55 -1.08 -51.87 -9.83
N GLU D 56 -0.83 -53.16 -10.08
CA GLU D 56 -0.04 -53.97 -9.16
C GLU D 56 1.43 -53.57 -9.20
N GLU D 57 2.00 -53.44 -10.39
CA GLU D 57 3.36 -52.93 -10.50
C GLU D 57 3.46 -51.50 -9.98
N LYS D 58 2.35 -50.74 -10.06
CA LYS D 58 2.33 -49.40 -9.49
C LYS D 58 2.40 -49.45 -7.97
N LYS D 59 1.76 -50.45 -7.36
CA LYS D 59 1.80 -50.57 -5.90
C LYS D 59 3.18 -50.99 -5.43
N ARG D 60 3.86 -51.84 -6.19
CA ARG D 60 5.19 -52.27 -5.82
C ARG D 60 6.20 -51.14 -5.97
N VAL D 61 6.02 -50.26 -6.96
CA VAL D 61 6.90 -49.12 -7.09
C VAL D 61 6.75 -48.17 -5.90
N PHE D 62 5.51 -47.91 -5.48
CA PHE D 62 5.28 -47.04 -4.34
C PHE D 62 5.88 -47.60 -3.06
N GLU D 63 5.81 -48.93 -2.88
CA GLU D 63 6.32 -49.53 -1.66
C GLU D 63 7.83 -49.57 -1.66
N ILE D 64 8.44 -49.91 -2.80
CA ILE D 64 9.89 -49.89 -2.93
C ILE D 64 10.44 -48.48 -2.74
N ALA D 65 9.75 -47.49 -3.29
CA ALA D 65 10.26 -46.11 -3.21
C ALA D 65 10.23 -45.60 -1.78
N ILE D 66 9.15 -45.87 -1.04
CA ILE D 66 9.06 -45.35 0.31
C ILE D 66 10.01 -46.09 1.23
N ASP D 67 10.32 -47.35 0.92
CA ASP D 67 11.20 -48.11 1.79
C ASP D 67 12.67 -47.82 1.51
N GLU D 68 13.00 -47.37 0.30
CA GLU D 68 14.36 -46.96 0.00
C GLU D 68 14.66 -45.54 0.41
N ALA D 69 13.67 -44.64 0.27
CA ALA D 69 13.86 -43.25 0.66
C ALA D 69 13.70 -43.03 2.16
N LYS D 70 13.06 -43.97 2.87
CA LYS D 70 12.72 -43.81 4.28
C LYS D 70 11.97 -42.50 4.52
N ASP D 71 12.54 -41.61 5.34
CA ASP D 71 12.07 -40.24 5.47
C ASP D 71 13.23 -39.26 5.31
N SER D 72 14.06 -39.50 4.30
CA SER D 72 15.13 -38.56 3.96
C SER D 72 14.64 -37.41 3.09
N VAL D 73 13.56 -37.59 2.33
CA VAL D 73 13.08 -36.58 1.40
C VAL D 73 11.55 -36.56 1.40
N ASN D 74 10.99 -35.49 0.86
CA ASN D 74 9.55 -35.45 0.61
C ASN D 74 9.19 -36.47 -0.44
N LEU D 75 7.97 -37.00 -0.34
CA LEU D 75 7.45 -37.96 -1.31
C LEU D 75 6.07 -37.49 -1.75
N ILE D 76 5.84 -37.49 -3.06
CA ILE D 76 4.53 -37.23 -3.63
C ILE D 76 4.16 -38.42 -4.50
N ALA D 77 2.94 -38.92 -4.34
CA ALA D 77 2.47 -40.09 -5.06
C ALA D 77 1.42 -39.67 -6.08
N GLN D 78 1.71 -39.88 -7.35
CA GLN D 78 0.75 -39.61 -8.41
C GLN D 78 -0.10 -40.87 -8.60
N VAL D 79 -1.39 -40.77 -8.28
CA VAL D 79 -2.27 -41.94 -8.20
C VAL D 79 -3.39 -41.92 -9.24
N GLY D 80 -3.47 -40.92 -10.09
CA GLY D 80 -4.51 -40.83 -11.09
C GLY D 80 -4.16 -41.57 -12.37
N SER D 81 -4.87 -41.20 -13.45
CA SER D 81 -4.69 -41.58 -14.86
C SER D 81 -5.76 -42.56 -15.36
N ILE D 82 -6.04 -43.64 -14.63
CA ILE D 82 -6.87 -44.71 -15.18
C ILE D 82 -8.35 -44.38 -15.05
N ASN D 83 -8.85 -44.43 -13.83
CA ASN D 83 -10.21 -43.98 -13.51
C ASN D 83 -10.22 -43.66 -12.01
N LEU D 84 -11.39 -43.28 -11.51
CA LEU D 84 -11.46 -42.81 -10.13
C LEU D 84 -11.50 -43.95 -9.12
N ASN D 85 -11.91 -45.16 -9.51
CA ASN D 85 -11.85 -46.26 -8.56
C ASN D 85 -10.42 -46.78 -8.40
N GLU D 86 -9.61 -46.71 -9.46
CA GLU D 86 -8.19 -47.03 -9.33
C GLU D 86 -7.45 -45.95 -8.55
N ALA D 87 -7.82 -44.68 -8.75
CA ALA D 87 -7.15 -43.59 -8.02
C ALA D 87 -7.42 -43.68 -6.52
N VAL D 88 -8.62 -44.08 -6.13
CA VAL D 88 -8.94 -44.13 -4.71
C VAL D 88 -8.24 -45.31 -4.05
N GLU D 89 -8.19 -46.47 -4.73
CA GLU D 89 -7.49 -47.62 -4.16
C GLU D 89 -6.01 -47.35 -4.00
N LEU D 90 -5.37 -46.77 -5.03
CA LEU D 90 -3.97 -46.38 -4.91
C LEU D 90 -3.78 -45.33 -3.82
N GLY D 91 -4.70 -44.36 -3.75
CA GLY D 91 -4.57 -43.29 -2.78
C GLY D 91 -4.62 -43.78 -1.35
N LYS D 92 -5.44 -44.79 -1.08
CA LYS D 92 -5.51 -45.33 0.27
C LYS D 92 -4.41 -46.33 0.55
N TYR D 93 -3.84 -46.93 -0.49
CA TYR D 93 -2.68 -47.80 -0.33
C TYR D 93 -1.44 -47.00 0.07
N VAL D 94 -1.14 -45.94 -0.69
CA VAL D 94 0.05 -45.15 -0.40
C VAL D 94 -0.13 -44.30 0.84
N THR D 95 -1.39 -43.98 1.19
CA THR D 95 -1.63 -43.32 2.47
C THR D 95 -1.34 -44.25 3.63
N LYS D 96 -1.68 -45.53 3.48
CA LYS D 96 -1.34 -46.52 4.49
C LYS D 96 0.16 -46.84 4.49
N LEU D 97 0.82 -46.63 3.35
CA LEU D 97 2.26 -46.88 3.26
C LEU D 97 3.09 -45.75 3.85
N GLY D 98 2.50 -44.59 4.06
CA GLY D 98 3.19 -43.45 4.65
C GLY D 98 3.34 -42.25 3.72
N TYR D 99 2.86 -42.31 2.48
CA TYR D 99 2.90 -41.15 1.60
C TYR D 99 1.94 -40.09 2.14
N LYS D 100 2.45 -38.91 2.47
CA LYS D 100 1.60 -37.89 3.06
C LYS D 100 1.34 -36.72 2.11
N CYS D 101 1.48 -36.95 0.80
CA CYS D 101 0.93 -36.02 -0.17
C CYS D 101 0.62 -36.78 -1.46
N LEU D 102 -0.49 -36.42 -2.08
CA LEU D 102 -0.91 -37.06 -3.33
C LEU D 102 -1.00 -36.02 -4.43
N SER D 103 -0.97 -36.53 -5.65
CA SER D 103 -1.33 -35.77 -6.83
C SER D 103 -2.07 -36.72 -7.76
N ALA D 104 -2.85 -36.15 -8.66
CA ALA D 104 -3.67 -36.97 -9.53
C ALA D 104 -3.96 -36.19 -10.81
N VAL D 105 -3.62 -36.76 -11.93
CA VAL D 105 -4.10 -36.24 -13.21
C VAL D 105 -5.53 -36.73 -13.40
N THR D 106 -6.33 -35.94 -14.11
CA THR D 106 -7.69 -36.36 -14.42
C THR D 106 -7.66 -37.62 -15.29
N PRO D 107 -8.75 -38.38 -15.33
CA PRO D 107 -8.77 -39.60 -16.15
C PRO D 107 -8.65 -39.28 -17.64
N PHE D 108 -8.15 -40.26 -18.39
CA PHE D 108 -7.89 -40.10 -19.81
C PHE D 108 -9.05 -40.53 -20.71
N TYR D 109 -10.03 -41.28 -20.19
CA TYR D 109 -11.03 -41.94 -21.03
C TYR D 109 -12.20 -41.04 -21.41
N TYR D 110 -12.27 -39.81 -20.91
CA TYR D 110 -13.46 -38.99 -21.14
C TYR D 110 -13.11 -37.52 -20.92
N LYS D 111 -13.81 -36.65 -21.64
CA LYS D 111 -13.62 -35.20 -21.56
C LYS D 111 -14.59 -34.64 -20.52
N PHE D 112 -14.10 -34.44 -19.30
CA PHE D 112 -14.95 -34.05 -18.18
C PHE D 112 -15.08 -32.54 -18.09
N ASP D 113 -16.30 -32.08 -17.83
CA ASP D 113 -16.52 -30.68 -17.49
C ASP D 113 -15.90 -30.38 -16.12
N PHE D 114 -15.85 -29.09 -15.80
CA PHE D 114 -15.15 -28.69 -14.58
C PHE D 114 -15.85 -29.19 -13.33
N SER D 115 -17.19 -29.19 -13.33
CA SER D 115 -17.92 -29.64 -12.14
C SER D 115 -17.66 -31.10 -11.83
N GLU D 116 -17.23 -31.89 -12.81
CA GLU D 116 -16.87 -33.28 -12.56
C GLU D 116 -15.39 -33.46 -12.23
N ILE D 117 -14.54 -32.53 -12.67
CA ILE D 117 -13.16 -32.51 -12.18
C ILE D 117 -13.13 -32.24 -10.69
N LYS D 118 -13.98 -31.31 -10.23
CA LYS D 118 -14.01 -30.97 -8.80
C LYS D 118 -14.53 -32.15 -7.98
N ASP D 119 -15.58 -32.82 -8.44
CA ASP D 119 -16.04 -34.02 -7.75
C ASP D 119 -14.95 -35.08 -7.74
N TYR D 120 -14.21 -35.21 -8.85
CA TYR D 120 -13.11 -36.16 -8.94
C TYR D 120 -12.08 -35.91 -7.85
N TYR D 121 -11.57 -34.67 -7.77
CA TYR D 121 -10.55 -34.37 -6.78
C TYR D 121 -11.09 -34.44 -5.36
N GLU D 122 -12.30 -33.90 -5.13
CA GLU D 122 -12.85 -33.91 -3.78
C GLU D 122 -13.13 -35.33 -3.29
N THR D 123 -13.40 -36.26 -4.20
CA THR D 123 -13.66 -37.63 -3.78
C THR D 123 -12.38 -38.32 -3.31
N ILE D 124 -11.26 -38.07 -4.00
CA ILE D 124 -10.00 -38.67 -3.58
C ILE D 124 -9.57 -38.12 -2.23
N VAL D 125 -9.85 -36.85 -1.96
CA VAL D 125 -9.47 -36.25 -0.68
C VAL D 125 -10.33 -36.80 0.45
N ARG D 126 -11.61 -37.03 0.17
CA ARG D 126 -12.52 -37.52 1.21
C ARG D 126 -12.24 -38.99 1.53
N GLU D 127 -11.87 -39.79 0.53
CA GLU D 127 -11.73 -41.23 0.72
C GLU D 127 -10.37 -41.65 1.25
N THR D 128 -9.36 -40.80 1.11
CA THR D 128 -8.03 -41.08 1.65
C THR D 128 -7.69 -40.23 2.85
N GLY D 129 -8.23 -39.03 2.96
CA GLY D 129 -7.85 -38.12 4.02
C GLY D 129 -6.48 -37.50 3.85
N ASN D 130 -5.86 -37.69 2.70
CA ASN D 130 -4.53 -37.19 2.43
C ASN D 130 -4.57 -35.82 1.78
N TYR D 131 -3.41 -35.17 1.72
CA TYR D 131 -3.28 -33.92 1.00
C TYR D 131 -3.18 -34.18 -0.50
N MET D 132 -3.48 -33.16 -1.30
CA MET D 132 -3.60 -33.32 -2.74
C MET D 132 -2.96 -32.16 -3.48
N ILE D 133 -2.19 -32.48 -4.51
CA ILE D 133 -1.68 -31.52 -5.49
C ILE D 133 -2.42 -31.76 -6.80
N ILE D 134 -3.02 -30.72 -7.36
CA ILE D 134 -3.76 -30.84 -8.61
C ILE D 134 -2.88 -30.37 -9.77
N TYR D 135 -3.32 -30.66 -10.99
CA TYR D 135 -2.63 -30.24 -12.21
C TYR D 135 -3.37 -29.07 -12.83
N SER D 136 -2.62 -28.07 -13.29
CA SER D 136 -3.24 -26.89 -13.88
C SER D 136 -3.94 -27.19 -15.20
N ILE D 137 -3.55 -28.28 -15.87
CA ILE D 137 -4.15 -28.69 -17.13
C ILE D 137 -4.79 -30.07 -16.91
N PRO D 138 -6.09 -30.21 -17.09
CA PRO D 138 -6.70 -31.56 -17.08
C PRO D 138 -6.04 -32.42 -18.15
N PHE D 139 -5.78 -33.68 -17.77
CA PHE D 139 -5.08 -34.64 -18.61
C PHE D 139 -5.61 -34.63 -20.04
N LEU D 140 -4.72 -34.32 -20.99
CA LEU D 140 -5.02 -34.36 -22.42
C LEU D 140 -6.17 -33.44 -22.80
N THR D 141 -6.09 -32.19 -22.35
CA THR D 141 -7.01 -31.16 -22.83
C THR D 141 -6.26 -29.94 -23.35
N GLY D 142 -5.05 -29.70 -22.84
CA GLY D 142 -4.20 -28.64 -23.34
C GLY D 142 -4.50 -27.26 -22.80
N VAL D 143 -5.73 -27.00 -22.35
CA VAL D 143 -6.13 -25.69 -21.87
C VAL D 143 -5.92 -25.62 -20.36
N ASN D 144 -5.25 -24.57 -19.90
CA ASN D 144 -5.13 -24.33 -18.47
C ASN D 144 -6.50 -24.02 -17.87
N MET D 145 -6.66 -24.34 -16.59
CA MET D 145 -7.87 -23.97 -15.89
C MET D 145 -7.95 -22.46 -15.71
N SER D 146 -9.18 -21.97 -15.60
CA SER D 146 -9.41 -20.56 -15.31
C SER D 146 -9.04 -20.25 -13.86
N LEU D 147 -8.77 -18.98 -13.59
CA LEU D 147 -8.42 -18.59 -12.23
C LEU D 147 -9.59 -18.74 -11.28
N SER D 148 -10.80 -18.53 -11.76
CA SER D 148 -11.98 -18.75 -10.92
C SER D 148 -12.12 -20.23 -10.58
N GLN D 149 -11.77 -21.11 -11.52
CA GLN D 149 -11.83 -22.55 -11.27
C GLN D 149 -10.80 -22.98 -10.25
N PHE D 150 -9.63 -22.35 -10.25
CA PHE D 150 -8.66 -22.61 -9.18
C PHE D 150 -9.27 -22.27 -7.83
N GLY D 151 -10.05 -21.18 -7.77
CA GLY D 151 -10.65 -20.78 -6.51
C GLY D 151 -11.63 -21.80 -5.97
N GLU D 152 -12.44 -22.39 -6.84
CA GLU D 152 -13.39 -23.40 -6.38
C GLU D 152 -12.67 -24.63 -5.85
N LEU D 153 -11.56 -25.02 -6.49
CA LEU D 153 -10.81 -26.18 -6.01
C LEU D 153 -10.07 -25.86 -4.73
N PHE D 154 -9.45 -24.67 -4.65
CA PHE D 154 -8.68 -24.30 -3.47
C PHE D 154 -9.56 -24.00 -2.27
N GLU D 155 -10.88 -24.03 -2.42
CA GLU D 155 -11.75 -23.90 -1.25
C GLU D 155 -11.58 -25.09 -0.31
N ASN D 156 -11.19 -26.24 -0.83
CA ASN D 156 -10.87 -27.41 -0.01
C ASN D 156 -9.49 -27.21 0.61
N GLU D 157 -9.41 -27.39 1.93
CA GLU D 157 -8.16 -27.11 2.64
C GLU D 157 -7.12 -28.20 2.48
N LYS D 158 -7.52 -29.42 2.08
CA LYS D 158 -6.56 -30.48 1.83
C LYS D 158 -6.08 -30.54 0.39
N ILE D 159 -6.56 -29.63 -0.46
CA ILE D 159 -5.95 -29.40 -1.77
C ILE D 159 -4.94 -28.26 -1.56
N ILE D 160 -3.68 -28.63 -1.35
CA ILE D 160 -2.69 -27.70 -0.84
C ILE D 160 -1.85 -27.06 -1.92
N GLY D 161 -2.01 -27.46 -3.18
CA GLY D 161 -1.14 -26.91 -4.19
C GLY D 161 -1.51 -27.33 -5.59
N VAL D 162 -0.69 -26.88 -6.54
CA VAL D 162 -0.92 -27.09 -7.96
C VAL D 162 0.42 -27.24 -8.66
N LYS D 163 0.50 -28.19 -9.60
CA LYS D 163 1.67 -28.35 -10.45
C LYS D 163 1.36 -27.75 -11.82
N PHE D 164 2.12 -26.72 -12.19
CA PHE D 164 1.98 -26.05 -13.49
C PHE D 164 2.82 -26.79 -14.52
N THR D 165 2.17 -27.26 -15.59
CA THR D 165 2.87 -27.97 -16.65
C THR D 165 3.13 -27.10 -17.88
N ALA D 166 2.23 -26.17 -18.20
CA ALA D 166 2.46 -25.24 -19.30
C ALA D 166 3.10 -23.98 -18.76
N GLY D 167 4.00 -23.39 -19.56
CA GLY D 167 4.72 -22.20 -19.13
C GLY D 167 3.98 -20.91 -19.40
N ASP D 168 2.77 -20.77 -18.86
CA ASP D 168 2.00 -19.53 -18.91
C ASP D 168 2.28 -18.77 -17.62
N PHE D 169 3.22 -17.83 -17.67
CA PHE D 169 3.64 -17.13 -16.47
C PHE D 169 2.66 -16.03 -16.07
N TYR D 170 1.82 -15.55 -16.98
CA TYR D 170 0.77 -14.62 -16.56
C TYR D 170 -0.21 -15.29 -15.61
N LEU D 171 -0.71 -16.46 -15.99
CA LEU D 171 -1.59 -17.21 -15.10
C LEU D 171 -0.84 -17.67 -13.85
N LEU D 172 0.42 -18.04 -14.00
CA LEU D 172 1.23 -18.43 -12.84
C LEU D 172 1.31 -17.29 -11.83
N GLU D 173 1.57 -16.07 -12.30
CA GLU D 173 1.65 -14.93 -11.41
C GLU D 173 0.30 -14.64 -10.76
N ARG D 174 -0.80 -14.80 -11.53
CA ARG D 174 -2.12 -14.52 -10.99
C ARG D 174 -2.50 -15.52 -9.90
N VAL D 175 -2.27 -16.81 -10.16
CA VAL D 175 -2.55 -17.82 -9.15
C VAL D 175 -1.69 -17.58 -7.91
N ARG D 176 -0.45 -17.15 -8.12
CA ARG D 176 0.44 -16.92 -6.98
C ARG D 176 -0.10 -15.83 -6.07
N LYS D 177 -0.62 -14.75 -6.66
CA LYS D 177 -1.14 -13.66 -5.84
C LYS D 177 -2.51 -13.97 -5.25
N ALA D 178 -3.37 -14.67 -6.01
CA ALA D 178 -4.70 -14.96 -5.50
C ALA D 178 -4.67 -15.97 -4.36
N PHE D 179 -3.67 -16.85 -4.31
CA PHE D 179 -3.59 -17.92 -3.31
C PHE D 179 -2.18 -17.97 -2.73
N PRO D 180 -1.83 -17.00 -1.88
CA PRO D 180 -0.48 -17.01 -1.27
C PRO D 180 -0.27 -18.16 -0.30
N ASP D 181 -1.34 -18.85 0.11
CA ASP D 181 -1.27 -19.92 1.09
C ASP D 181 -1.12 -21.30 0.48
N LYS D 182 -1.07 -21.42 -0.84
CA LYS D 182 -0.98 -22.71 -1.51
C LYS D 182 0.40 -22.91 -2.12
N LEU D 183 0.76 -24.18 -2.30
CA LEU D 183 2.01 -24.52 -2.96
C LEU D 183 1.85 -24.44 -4.48
N ILE D 184 2.89 -23.98 -5.16
CA ILE D 184 2.91 -23.97 -6.62
C ILE D 184 4.22 -24.58 -7.08
N PHE D 185 4.13 -25.61 -7.91
CA PHE D 185 5.30 -26.31 -8.42
C PHE D 185 5.43 -26.05 -9.91
N ALA D 186 6.63 -25.69 -10.33
CA ALA D 186 6.95 -25.60 -11.74
C ALA D 186 7.22 -26.99 -12.30
N GLY D 187 6.66 -27.28 -13.47
CA GLY D 187 6.94 -28.53 -14.13
C GLY D 187 7.65 -28.32 -15.46
N PHE D 188 8.57 -27.37 -15.50
CA PHE D 188 9.33 -27.07 -16.72
C PHE D 188 10.74 -26.67 -16.32
N ASP D 189 11.71 -27.54 -16.61
CA ASP D 189 13.08 -27.34 -16.13
C ASP D 189 13.81 -26.25 -16.90
N GLU D 190 13.47 -26.05 -18.17
CA GLU D 190 14.14 -25.07 -19.00
C GLU D 190 13.79 -23.63 -18.62
N MET D 191 12.77 -23.43 -17.79
CA MET D 191 12.31 -22.11 -17.37
C MET D 191 12.24 -22.02 -15.85
N LEU D 192 13.22 -22.64 -15.18
CA LEU D 192 13.21 -22.64 -13.72
C LEU D 192 13.44 -21.25 -13.16
N LEU D 193 14.42 -20.52 -13.71
CA LEU D 193 14.69 -19.16 -13.25
C LEU D 193 13.49 -18.23 -13.37
N PRO D 194 12.80 -18.13 -14.52
CA PRO D 194 11.61 -17.26 -14.57
C PRO D 194 10.53 -17.65 -13.58
N ALA D 195 10.28 -18.96 -13.40
CA ALA D 195 9.28 -19.38 -12.43
C ALA D 195 9.70 -19.05 -11.00
N THR D 196 10.99 -19.12 -10.68
CA THR D 196 11.42 -18.93 -9.30
C THR D 196 11.19 -17.50 -8.84
N VAL D 197 11.45 -16.51 -9.70
CA VAL D 197 11.26 -15.12 -9.31
C VAL D 197 9.80 -14.72 -9.23
N LEU D 198 8.89 -15.55 -9.76
CA LEU D 198 7.47 -15.35 -9.58
C LEU D 198 6.92 -16.08 -8.38
N GLY D 199 7.79 -16.69 -7.57
CA GLY D 199 7.40 -17.21 -6.28
C GLY D 199 6.90 -18.63 -6.23
N VAL D 200 7.34 -19.49 -7.15
CA VAL D 200 6.96 -20.90 -7.03
C VAL D 200 7.69 -21.51 -5.85
N ASP D 201 7.04 -22.51 -5.23
CA ASP D 201 7.56 -23.14 -4.03
C ASP D 201 8.46 -24.34 -4.33
N GLY D 202 8.49 -24.78 -5.57
CA GLY D 202 9.34 -25.90 -5.93
C GLY D 202 9.21 -26.19 -7.41
N ALA D 203 9.94 -27.22 -7.83
CA ALA D 203 9.92 -27.65 -9.21
C ALA D 203 9.92 -29.17 -9.24
N ILE D 204 9.12 -29.73 -10.13
CA ILE D 204 9.07 -31.17 -10.35
C ILE D 204 9.43 -31.42 -11.80
N GLY D 205 10.51 -32.15 -12.02
CA GLY D 205 11.04 -32.35 -13.34
C GLY D 205 11.83 -33.63 -13.42
N SER D 206 12.04 -34.08 -14.65
CA SER D 206 12.78 -35.31 -14.88
C SER D 206 14.23 -35.07 -15.23
N THR D 207 14.59 -33.84 -15.64
CA THR D 207 16.02 -33.54 -15.80
C THR D 207 16.75 -33.53 -14.46
N TYR D 208 16.02 -33.38 -13.35
CA TYR D 208 16.66 -33.35 -12.03
C TYR D 208 17.18 -34.71 -11.59
N ASN D 209 16.88 -35.77 -12.34
CA ASN D 209 17.53 -37.06 -12.12
C ASN D 209 19.02 -36.98 -12.40
N ILE D 210 19.44 -36.05 -13.27
CA ILE D 210 20.86 -35.91 -13.60
C ILE D 210 21.38 -34.50 -13.43
N ASN D 211 20.53 -33.47 -13.39
CA ASN D 211 20.95 -32.08 -13.30
C ASN D 211 20.40 -31.43 -12.03
N GLY D 212 20.15 -32.25 -11.01
CA GLY D 212 19.56 -31.73 -9.78
C GLY D 212 20.45 -30.73 -9.08
N ILE D 213 21.76 -30.87 -9.23
CA ILE D 213 22.69 -29.96 -8.56
C ILE D 213 22.53 -28.55 -9.11
N ARG D 214 22.56 -28.41 -10.44
CA ARG D 214 22.41 -27.08 -11.03
C ARG D 214 21.04 -26.49 -10.71
N ALA D 215 19.99 -27.32 -10.72
CA ALA D 215 18.66 -26.81 -10.46
C ALA D 215 18.51 -26.32 -9.02
N LYS D 216 19.10 -27.05 -8.07
CA LYS D 216 19.09 -26.57 -6.69
C LYS D 216 19.80 -25.24 -6.57
N GLN D 217 20.88 -25.05 -7.32
CA GLN D 217 21.61 -23.78 -7.29
C GLN D 217 20.78 -22.66 -7.89
N ILE D 218 20.15 -22.91 -9.04
CA ILE D 218 19.29 -21.89 -9.64
C ILE D 218 18.19 -21.51 -8.68
N PHE D 219 17.57 -22.51 -8.03
CA PHE D 219 16.49 -22.24 -7.11
C PHE D 219 16.98 -21.42 -5.91
N GLU D 220 18.07 -21.87 -5.28
CA GLU D 220 18.57 -21.16 -4.10
C GLU D 220 19.07 -19.76 -4.44
N LEU D 221 19.84 -19.62 -5.53
CA LEU D 221 20.41 -18.32 -5.87
C LEU D 221 19.34 -17.31 -6.26
N ALA D 222 18.26 -17.76 -6.92
CA ALA D 222 17.23 -16.82 -7.37
C ALA D 222 16.35 -16.34 -6.22
N LYS D 223 16.07 -17.21 -5.24
CA LYS D 223 15.28 -16.77 -4.10
C LYS D 223 16.07 -15.88 -3.15
N ASN D 224 17.35 -15.67 -3.42
CA ASN D 224 18.17 -14.73 -2.67
C ASN D 224 18.51 -13.50 -3.52
N SER D 225 17.66 -13.20 -4.51
CA SER D 225 17.83 -12.10 -5.46
C SER D 225 19.30 -11.93 -5.80
N LYS D 226 19.91 -12.91 -6.43
CA LYS D 226 21.28 -12.82 -6.99
C LYS D 226 21.19 -13.33 -8.42
N ILE D 227 20.54 -12.57 -9.29
CA ILE D 227 20.08 -13.10 -10.57
C ILE D 227 21.23 -13.39 -11.54
N ASP D 228 22.28 -12.57 -11.51
CA ASP D 228 23.34 -12.71 -12.51
C ASP D 228 23.94 -14.11 -12.50
N GLU D 229 24.26 -14.63 -11.32
CA GLU D 229 24.83 -15.97 -11.22
C GLU D 229 23.80 -17.02 -11.60
N ALA D 230 22.54 -16.80 -11.24
CA ALA D 230 21.50 -17.79 -11.54
C ALA D 230 21.25 -17.90 -13.04
N LEU D 231 21.28 -16.77 -13.75
CA LEU D 231 21.03 -16.81 -15.17
C LEU D 231 22.13 -17.57 -15.91
N LYS D 232 23.38 -17.48 -15.45
CA LYS D 232 24.45 -18.20 -16.12
C LYS D 232 24.31 -19.71 -15.94
N ILE D 233 23.87 -20.16 -14.77
CA ILE D 233 23.64 -21.58 -14.57
C ILE D 233 22.42 -22.05 -15.36
N GLN D 234 21.40 -21.19 -15.47
CA GLN D 234 20.25 -21.54 -16.30
C GLN D 234 20.65 -21.65 -17.76
N HIS D 235 21.60 -20.81 -18.21
CA HIS D 235 22.12 -20.94 -19.56
C HIS D 235 22.81 -22.27 -19.77
N THR D 236 23.60 -22.71 -18.80
CA THR D 236 24.29 -24.00 -18.92
C THR D 236 23.31 -25.15 -18.84
N THR D 237 22.33 -25.05 -17.94
CA THR D 237 21.30 -26.07 -17.84
C THR D 237 20.55 -26.23 -19.15
N ASN D 238 20.24 -25.12 -19.81
CA ASN D 238 19.48 -25.21 -21.05
C ASN D 238 20.32 -25.68 -22.22
N ASP D 239 21.65 -25.54 -22.14
CA ASP D 239 22.50 -26.17 -23.14
C ASP D 239 22.46 -27.68 -22.99
N LEU D 240 22.38 -28.16 -21.75
CA LEU D 240 22.20 -29.59 -21.53
C LEU D 240 20.84 -30.05 -22.04
N ILE D 241 19.78 -29.32 -21.70
CA ILE D 241 18.42 -29.73 -22.04
C ILE D 241 18.23 -29.70 -23.56
N GLU D 242 18.75 -28.67 -24.23
CA GLU D 242 18.67 -28.62 -25.68
C GLU D 242 19.34 -29.84 -26.32
N GLY D 243 20.51 -30.24 -25.78
CA GLY D 243 21.15 -31.44 -26.27
C GLY D 243 20.36 -32.70 -25.94
N ILE D 244 19.87 -32.79 -24.71
CA ILE D 244 19.03 -33.93 -24.30
C ILE D 244 17.81 -34.04 -25.21
N LEU D 245 17.15 -32.91 -25.50
CA LEU D 245 15.93 -32.97 -26.31
C LEU D 245 16.25 -33.37 -27.74
N SER D 246 17.28 -32.76 -28.32
CA SER D 246 17.75 -33.14 -29.66
C SER D 246 18.01 -34.64 -29.78
N ASN D 247 18.50 -35.25 -28.70
CA ASN D 247 18.96 -36.63 -28.72
C ASN D 247 17.90 -37.62 -28.27
N GLY D 248 16.72 -37.15 -27.87
CA GLY D 248 15.70 -37.99 -27.29
C GLY D 248 15.73 -37.96 -25.77
N LEU D 249 14.79 -37.25 -25.15
CA LEU D 249 14.94 -36.90 -23.74
C LEU D 249 14.91 -38.13 -22.84
N TYR D 250 13.88 -38.97 -23.01
CA TYR D 250 13.73 -40.13 -22.14
C TYR D 250 14.92 -41.07 -22.24
N GLN D 251 15.37 -41.36 -23.47
CA GLN D 251 16.47 -42.30 -23.64
C GLN D 251 17.83 -41.70 -23.29
N THR D 252 18.01 -40.38 -23.48
CA THR D 252 19.27 -39.76 -23.13
C THR D 252 19.47 -39.73 -21.61
N ILE D 253 18.40 -39.46 -20.86
CA ILE D 253 18.49 -39.44 -19.40
C ILE D 253 18.88 -40.82 -18.89
N LYS D 254 18.29 -41.87 -19.46
CA LYS D 254 18.63 -43.22 -19.04
C LYS D 254 20.09 -43.54 -19.35
N GLU D 255 20.56 -43.16 -20.54
CA GLU D 255 21.94 -43.49 -20.89
C GLU D 255 22.93 -42.67 -20.08
N ILE D 256 22.57 -41.44 -19.71
CA ILE D 256 23.46 -40.65 -18.86
C ILE D 256 23.51 -41.21 -17.45
N LEU D 257 22.38 -41.73 -16.96
CA LEU D 257 22.38 -42.36 -15.65
C LEU D 257 23.24 -43.61 -15.61
N LYS D 258 23.38 -44.31 -16.75
CA LYS D 258 24.28 -45.46 -16.79
C LYS D 258 25.75 -45.05 -16.89
N LEU D 259 26.04 -43.88 -17.45
CA LEU D 259 27.41 -43.38 -17.45
C LEU D 259 27.86 -42.98 -16.04
N GLU D 260 26.94 -42.85 -15.10
CA GLU D 260 27.27 -42.57 -13.72
C GLU D 260 27.11 -43.79 -12.82
N GLY D 261 26.97 -44.97 -13.41
CA GLY D 261 26.95 -46.21 -12.65
C GLY D 261 25.60 -46.63 -12.12
N VAL D 262 24.51 -46.19 -12.74
CA VAL D 262 23.16 -46.52 -12.28
C VAL D 262 22.49 -47.41 -13.32
N ASP D 263 21.93 -48.53 -12.86
CA ASP D 263 21.22 -49.46 -13.73
C ASP D 263 19.87 -48.90 -14.14
N ALA D 264 19.81 -48.24 -15.30
CA ALA D 264 18.57 -47.61 -15.75
C ALA D 264 17.65 -48.56 -16.49
N GLY D 265 18.01 -49.83 -16.62
CA GLY D 265 17.11 -50.82 -17.18
C GLY D 265 16.98 -50.71 -18.68
N TYR D 266 16.00 -51.44 -19.21
CA TYR D 266 15.77 -51.55 -20.64
C TYR D 266 14.48 -50.82 -21.02
N CYS D 267 14.31 -50.61 -22.32
CA CYS D 267 13.09 -50.04 -22.86
C CYS D 267 12.12 -51.15 -23.24
N ARG D 268 10.83 -50.84 -23.20
CA ARG D 268 9.79 -51.80 -23.54
C ARG D 268 9.28 -51.56 -24.96
N LYS D 269 8.97 -52.64 -25.66
CA LYS D 269 8.37 -52.52 -26.98
C LYS D 269 7.06 -51.73 -26.88
N PRO D 270 6.69 -50.97 -27.93
CA PRO D 270 7.35 -50.88 -29.23
C PRO D 270 8.39 -49.78 -29.33
N MET D 271 8.90 -49.29 -28.21
CA MET D 271 9.91 -48.24 -28.26
C MET D 271 11.21 -48.78 -28.83
N LYS D 272 11.83 -48.00 -29.72
CA LYS D 272 13.06 -48.45 -30.38
C LYS D 272 14.26 -48.29 -29.46
N LYS D 273 15.25 -49.16 -29.66
CA LYS D 273 16.48 -49.08 -28.90
C LYS D 273 17.30 -47.88 -29.33
N ILE D 274 18.02 -47.29 -28.37
CA ILE D 274 18.85 -46.13 -28.64
C ILE D 274 20.03 -46.53 -29.52
N SER D 275 20.39 -45.67 -30.46
CA SER D 275 21.43 -45.94 -31.44
C SER D 275 22.82 -45.68 -30.87
N GLN D 276 23.84 -46.11 -31.64
CA GLN D 276 25.21 -45.81 -31.25
C GLN D 276 25.51 -44.32 -31.35
N LYS D 277 24.96 -43.65 -32.37
CA LYS D 277 25.17 -42.21 -32.51
C LYS D 277 24.62 -41.46 -31.31
N GLN D 278 23.50 -41.92 -30.75
CA GLN D 278 22.90 -41.24 -29.60
C GLN D 278 23.60 -41.60 -28.29
N ILE D 279 24.16 -42.80 -28.19
CA ILE D 279 24.97 -43.13 -27.01
C ILE D 279 26.23 -42.28 -26.97
N GLU D 280 26.89 -42.11 -28.12
CA GLU D 280 28.08 -41.28 -28.16
C GLU D 280 27.74 -39.83 -27.85
N PHE D 281 26.58 -39.36 -28.32
CA PHE D 281 26.17 -38.00 -28.02
C PHE D 281 25.84 -37.83 -26.55
N ALA D 282 25.22 -38.84 -25.93
CA ALA D 282 24.98 -38.79 -24.50
C ALA D 282 26.28 -38.72 -23.72
N LYS D 283 27.31 -39.42 -24.21
CA LYS D 283 28.61 -39.40 -23.52
C LYS D 283 29.28 -38.05 -23.64
N GLU D 284 29.18 -37.41 -24.81
CA GLU D 284 29.71 -36.06 -24.95
C GLU D 284 29.00 -35.08 -24.02
N LEU D 285 27.67 -35.21 -23.90
CA LEU D 285 26.93 -34.33 -22.99
C LEU D 285 27.34 -34.57 -21.55
N HIS D 286 27.53 -35.84 -21.16
CA HIS D 286 27.94 -36.15 -19.80
C HIS D 286 29.31 -35.54 -19.49
N LYS D 287 30.28 -35.76 -20.37
CA LYS D 287 31.63 -35.24 -20.15
C LYS D 287 31.63 -33.71 -20.14
N LYS D 288 30.85 -33.09 -21.02
CA LYS D 288 30.87 -31.63 -21.13
C LYS D 288 30.13 -30.96 -19.98
N PHE D 289 29.04 -31.55 -19.48
CA PHE D 289 28.14 -30.86 -18.58
C PHE D 289 28.05 -31.45 -17.18
N LEU D 290 28.44 -32.70 -16.96
CA LEU D 290 28.11 -33.37 -15.71
C LEU D 290 29.25 -34.14 -15.06
N LYS D 291 30.45 -34.16 -15.64
CA LYS D 291 31.57 -34.90 -15.06
C LYS D 291 32.59 -33.94 -14.47
C1 EDO E . -18.09 -8.20 49.92
O1 EDO E . -18.36 -7.18 50.88
C2 EDO E . -17.08 -9.18 50.49
O2 EDO E . -15.88 -8.48 50.84
C1 EDO F . 9.80 46.25 -5.51
O1 EDO F . 8.40 46.25 -5.84
C2 EDO F . 10.11 47.52 -4.73
O2 EDO F . 9.15 47.66 -3.67
C1 EDO G . -7.33 18.06 -35.28
O1 EDO G . -7.10 17.37 -36.51
C2 EDO G . -5.98 18.43 -34.67
O2 EDO G . -5.16 19.04 -35.68
#